data_5KCY
#
_entry.id   5KCY
#
_cell.length_a   96.950
_cell.length_b   134.910
_cell.length_c   68.690
_cell.angle_alpha   90.00
_cell.angle_beta   90.00
_cell.angle_gamma   90.00
#
_symmetry.space_group_name_H-M   'P 21 21 2'
#
loop_
_entity.id
_entity.type
_entity.pdbx_description
1 polymer 'aromatic prenyltransferase'
2 non-polymer 'methyl (2~{R})-3-(4-hydroxyphenyl)-2-[(4-hydroxyphenyl)methyl]-4-oxidanyl-5-oxidanylidene-furan-2-carboxylate'
3 non-polymer 'GERANYL S-THIOLODIPHOSPHATE'
4 water water
#
_entity_poly.entity_id   1
_entity_poly.type   'polypeptide(L)'
_entity_poly.pdbx_seq_one_letter_code
;GPLGSRPWQILSQALGFPNYDQELWWQNTAETLNRVLEQCDYSVHLQYKYLAFYHKYILPSLGPFRRPGVEPEYISGLSH
GGHPLEISVKIDKSKTICRLGLQAIGPLAGTARDPLNSFGDRELLKNLATLLPHVDLRLFDHFNAQVGLDRAQCAVATTK
LIKESHNIVCTSLDLKDGEVIPKVYFSTIPKGLVTETPLFDLTFAAIEQMEVYHKDAPLRTALSSLKDFLRPRVPTDASI
TPPLTGLIGVDCIDPMLSRLKVYLATFRMDLSLIRDYWTLGGLLTDAGTMKGLEMVETLAKTLKLGDEACETLDAERLPF
GINYAMKPGTAELAPPQIYFPLLGINDGFIADALVEFFQYMGWEDQANRYKDELKAKFPNVDISQTKNVHRWLGVAYSET
KGPSMNIYYDVVAGNVARV
;
_entity_poly.pdbx_strand_id   A,B
#
loop_
_chem_comp.id
_chem_comp.type
_chem_comp.name
_chem_comp.formula
GST non-polymer 'GERANYL S-THIOLODIPHOSPHATE' 'C10 H20 O6 P2 S'
XBU non-polymer 'methyl (2~{R})-3-(4-hydroxyphenyl)-2-[(4-hydroxyphenyl)methyl]-4-oxidanyl-5-oxidanylidene-furan-2-carboxylate' 'C19 H16 O7'
#
# COMPACT_ATOMS: atom_id res chain seq x y z
N ARG A 6 -35.70 14.95 -9.11
CA ARG A 6 -35.09 13.58 -8.91
C ARG A 6 -33.59 13.62 -8.51
N PRO A 7 -33.20 12.66 -7.69
CA PRO A 7 -31.91 12.79 -6.99
C PRO A 7 -30.67 13.10 -7.84
N TRP A 8 -30.59 12.52 -9.02
CA TRP A 8 -29.40 12.68 -9.83
C TRP A 8 -29.37 14.10 -10.38
N GLN A 9 -30.56 14.72 -10.52
CA GLN A 9 -30.66 16.07 -11.05
C GLN A 9 -30.44 17.07 -9.95
N ILE A 10 -30.97 16.82 -8.75
CA ILE A 10 -30.78 17.67 -7.63
C ILE A 10 -29.31 17.76 -7.26
N LEU A 11 -28.59 16.64 -7.33
CA LEU A 11 -27.20 16.63 -6.90
C LEU A 11 -26.36 17.37 -7.92
N SER A 12 -26.72 17.25 -9.18
CA SER A 12 -26.12 18.07 -10.23
C SER A 12 -26.29 19.59 -9.99
N GLN A 13 -27.46 20.01 -9.62
CA GLN A 13 -27.73 21.41 -9.32
C GLN A 13 -27.05 21.89 -8.04
N ALA A 14 -26.91 21.01 -7.06
CA ALA A 14 -26.30 21.36 -5.78
C ALA A 14 -24.76 21.39 -5.85
N LEU A 15 -24.18 20.47 -6.63
CA LEU A 15 -22.71 20.26 -6.62
C LEU A 15 -21.96 20.76 -7.80
N GLY A 16 -22.59 20.81 -8.95
CA GLY A 16 -21.91 21.22 -10.16
C GLY A 16 -20.80 20.25 -10.48
N PHE A 17 -19.81 20.70 -11.24
CA PHE A 17 -18.72 19.85 -11.65
C PHE A 17 -17.42 20.64 -11.68
N PRO A 18 -16.33 20.04 -11.23
CA PRO A 18 -15.02 20.78 -11.28
C PRO A 18 -14.50 20.90 -12.70
N ASN A 19 -14.94 20.06 -13.61
CA ASN A 19 -14.44 20.10 -15.00
C ASN A 19 -15.40 19.37 -15.90
N TYR A 20 -15.19 19.50 -17.19
CA TYR A 20 -16.14 19.00 -18.17
C TYR A 20 -16.17 17.50 -18.25
N ASP A 21 -15.05 16.88 -18.07
CA ASP A 21 -15.03 15.42 -18.07
C ASP A 21 -15.93 14.84 -17.00
N GLN A 22 -15.84 15.35 -15.78
CA GLN A 22 -16.72 14.91 -14.72
C GLN A 22 -18.19 15.14 -15.06
N GLU A 23 -18.50 16.26 -15.70
CA GLU A 23 -19.89 16.52 -16.09
C GLU A 23 -20.36 15.48 -17.09
N LEU A 24 -19.51 15.24 -18.06
CA LEU A 24 -19.85 14.34 -19.09
C LEU A 24 -20.08 12.96 -18.47
N TRP A 25 -19.22 12.51 -17.59
CA TRP A 25 -19.45 11.17 -16.98
C TRP A 25 -20.81 11.12 -16.26
N TRP A 26 -21.14 12.19 -15.57
CA TRP A 26 -22.37 12.24 -14.83
C TRP A 26 -23.54 12.26 -15.78
N GLN A 27 -23.46 13.06 -16.84
CA GLN A 27 -24.53 13.14 -17.85
C GLN A 27 -24.72 11.84 -18.62
N ASN A 28 -23.77 10.91 -18.53
CA ASN A 28 -23.90 9.61 -19.24
C ASN A 28 -23.95 8.41 -18.35
N THR A 29 -24.05 8.63 -17.04
CA THR A 29 -24.11 7.52 -16.09
C THR A 29 -25.08 7.68 -14.95
N ALA A 30 -25.27 8.89 -14.45
CA ALA A 30 -25.93 9.08 -13.17
C ALA A 30 -27.45 8.85 -13.25
N GLU A 31 -28.06 9.25 -14.35
CA GLU A 31 -29.50 8.94 -14.55
C GLU A 31 -29.75 7.44 -14.52
N THR A 32 -28.96 6.70 -15.28
CA THR A 32 -29.05 5.26 -15.23
C THR A 32 -28.82 4.73 -13.82
N LEU A 33 -27.75 5.19 -13.16
CA LEU A 33 -27.49 4.70 -11.81
C LEU A 33 -28.69 5.00 -10.88
N ASN A 34 -29.25 6.19 -10.97
CA ASN A 34 -30.44 6.54 -10.14
C ASN A 34 -31.60 5.61 -10.43
N ARG A 35 -31.83 5.31 -11.70
CA ARG A 35 -32.92 4.45 -12.12
C ARG A 35 -32.70 3.00 -11.60
N VAL A 36 -31.48 2.48 -11.73
CA VAL A 36 -31.19 1.14 -11.22
C VAL A 36 -31.48 1.06 -9.73
N LEU A 37 -31.06 2.08 -8.98
CA LEU A 37 -31.30 2.11 -7.54
C LEU A 37 -32.82 2.14 -7.21
N GLU A 38 -33.60 2.90 -7.93
CA GLU A 38 -35.04 2.94 -7.72
C GLU A 38 -35.62 1.55 -7.96
N GLN A 39 -35.30 0.97 -9.11
CA GLN A 39 -35.80 -0.37 -9.51
C GLN A 39 -35.47 -1.46 -8.52
N CYS A 40 -34.34 -1.34 -7.85
CA CYS A 40 -33.97 -2.25 -6.79
C CYS A 40 -34.54 -1.91 -5.42
N ASP A 41 -35.44 -0.95 -5.32
CA ASP A 41 -36.12 -0.61 -4.08
C ASP A 41 -35.21 -0.02 -2.98
N TYR A 42 -34.18 0.72 -3.39
CA TYR A 42 -33.42 1.49 -2.42
C TYR A 42 -34.26 2.70 -2.14
N SER A 43 -34.33 3.10 -0.88
CA SER A 43 -35.07 4.25 -0.47
C SER A 43 -34.47 5.53 -1.07
N VAL A 44 -35.25 6.60 -1.05
CA VAL A 44 -34.79 7.90 -1.52
C VAL A 44 -33.46 8.31 -0.82
N HIS A 45 -33.40 8.10 0.49
CA HIS A 45 -32.25 8.49 1.30
C HIS A 45 -30.95 7.72 0.83
N LEU A 46 -31.10 6.47 0.42
CA LEU A 46 -29.96 5.70 -0.04
C LEU A 46 -29.60 6.02 -1.45
N GLN A 47 -30.58 6.38 -2.27
CA GLN A 47 -30.33 6.91 -3.59
C GLN A 47 -29.43 8.18 -3.50
N TYR A 48 -29.81 9.11 -2.64
CA TYR A 48 -28.97 10.26 -2.37
C TYR A 48 -27.61 9.84 -1.78
N LYS A 49 -27.59 8.89 -0.84
CA LYS A 49 -26.33 8.48 -0.24
C LYS A 49 -25.36 8.03 -1.35
N TYR A 50 -25.82 7.16 -2.21
CA TYR A 50 -24.96 6.57 -3.20
C TYR A 50 -24.62 7.47 -4.38
N LEU A 51 -25.55 8.33 -4.81
CA LEU A 51 -25.28 9.27 -5.91
C LEU A 51 -24.35 10.39 -5.45
N ALA A 52 -24.52 10.88 -4.22
CA ALA A 52 -23.62 11.87 -3.64
C ALA A 52 -22.21 11.31 -3.52
N PHE A 53 -22.13 10.08 -2.99
CA PHE A 53 -20.85 9.33 -2.95
C PHE A 53 -20.19 9.24 -4.36
N TYR A 54 -20.96 8.87 -5.36
CA TYR A 54 -20.47 8.67 -6.67
C TYR A 54 -19.96 9.97 -7.23
N HIS A 55 -20.68 11.05 -6.96
CA HIS A 55 -20.23 12.37 -7.36
C HIS A 55 -18.89 12.82 -6.76
N LYS A 56 -18.73 12.63 -5.49
CA LYS A 56 -17.56 13.14 -4.80
C LYS A 56 -16.35 12.23 -4.99
N TYR A 57 -16.57 10.91 -4.90
CA TYR A 57 -15.47 9.96 -4.90
C TYR A 57 -15.17 9.22 -6.25
N ILE A 58 -16.20 8.96 -7.05
CA ILE A 58 -16.00 8.17 -8.26
C ILE A 58 -15.75 9.01 -9.49
N LEU A 59 -16.53 10.07 -9.70
CA LEU A 59 -16.30 10.96 -10.83
C LEU A 59 -14.82 11.31 -11.05
N PRO A 60 -14.08 11.73 -10.01
CA PRO A 60 -12.69 12.16 -10.33
C PRO A 60 -11.77 11.02 -10.60
N SER A 61 -12.17 9.82 -10.21
CA SER A 61 -11.38 8.62 -10.49
C SER A 61 -11.58 8.10 -11.89
N LEU A 62 -12.62 8.54 -12.56
CA LEU A 62 -12.98 7.95 -13.81
C LEU A 62 -12.10 8.43 -14.97
N GLY A 63 -11.38 9.53 -14.81
CA GLY A 63 -10.50 10.02 -15.84
C GLY A 63 -11.26 10.82 -16.91
N PRO A 64 -10.63 11.03 -18.08
CA PRO A 64 -11.26 11.73 -19.17
C PRO A 64 -12.41 10.93 -19.78
N PHE A 65 -13.45 11.60 -20.27
CA PHE A 65 -14.63 10.86 -20.81
C PHE A 65 -14.29 10.26 -22.22
N HIS A 83 -11.26 -1.44 -18.46
CA HIS A 83 -12.62 -1.85 -18.73
C HIS A 83 -13.64 -0.72 -18.50
N PRO A 84 -14.77 -0.77 -19.21
CA PRO A 84 -15.72 0.36 -19.11
C PRO A 84 -16.45 0.39 -17.74
N LEU A 85 -16.87 1.56 -17.30
CA LEU A 85 -17.60 1.69 -16.08
C LEU A 85 -18.78 0.74 -16.20
N GLU A 86 -18.88 -0.17 -15.25
CA GLU A 86 -19.90 -1.17 -15.24
C GLU A 86 -20.83 -0.98 -14.06
N ILE A 87 -22.13 -1.04 -14.31
CA ILE A 87 -23.08 -1.16 -13.20
C ILE A 87 -23.60 -2.55 -13.34
N SER A 88 -23.68 -3.26 -12.22
CA SER A 88 -24.18 -4.61 -12.25
C SER A 88 -25.30 -4.78 -11.25
N VAL A 89 -26.16 -5.76 -11.50
CA VAL A 89 -27.23 -6.10 -10.56
C VAL A 89 -27.09 -7.53 -10.16
N LYS A 90 -27.19 -7.81 -8.86
CA LYS A 90 -27.21 -9.17 -8.34
C LYS A 90 -28.70 -9.45 -7.96
N ILE A 91 -29.33 -10.35 -8.70
CA ILE A 91 -30.74 -10.66 -8.56
C ILE A 91 -30.85 -12.04 -7.94
N ASP A 92 -31.51 -12.15 -6.78
CA ASP A 92 -32.13 -13.45 -6.33
C ASP A 92 -33.64 -13.23 -6.12
N LYS A 93 -34.40 -14.22 -5.66
CA LYS A 93 -35.87 -14.00 -5.57
C LYS A 93 -36.23 -12.89 -4.54
N SER A 94 -35.49 -12.83 -3.43
CA SER A 94 -35.71 -11.83 -2.36
C SER A 94 -35.48 -10.38 -2.81
N LYS A 95 -34.33 -10.14 -3.47
CA LYS A 95 -33.83 -8.77 -3.71
C LYS A 95 -32.84 -8.63 -4.86
N THR A 96 -32.65 -7.37 -5.24
CA THR A 96 -31.69 -7.00 -6.22
C THR A 96 -30.71 -6.00 -5.61
N ILE A 97 -29.43 -6.33 -5.66
CA ILE A 97 -28.36 -5.49 -5.11
C ILE A 97 -27.54 -4.94 -6.27
N CYS A 98 -27.25 -3.67 -6.19
CA CYS A 98 -26.55 -2.93 -7.23
C CYS A 98 -25.04 -2.82 -6.86
N ARG A 99 -24.17 -2.84 -7.85
CA ARG A 99 -22.74 -2.77 -7.66
C ARG A 99 -22.08 -1.93 -8.79
N LEU A 100 -21.03 -1.19 -8.46
CA LEU A 100 -20.25 -0.39 -9.46
C LEU A 100 -18.88 -0.97 -9.65
N GLY A 101 -18.43 -1.13 -10.90
CA GLY A 101 -17.16 -1.72 -11.23
C GLY A 101 -16.43 -0.71 -12.09
N LEU A 102 -15.22 -0.34 -11.69
CA LEU A 102 -14.47 0.70 -12.42
C LEU A 102 -13.00 0.44 -12.43
N GLN A 103 -12.36 1.05 -13.42
CA GLN A 103 -10.95 1.22 -13.49
C GLN A 103 -10.68 2.64 -13.09
N ALA A 104 -10.14 2.84 -11.91
CA ALA A 104 -9.72 4.19 -11.53
C ALA A 104 -8.54 4.63 -12.40
N ILE A 105 -8.47 5.90 -12.78
CA ILE A 105 -7.46 6.43 -13.72
C ILE A 105 -6.67 7.55 -13.04
N GLY A 106 -5.37 7.36 -12.81
CA GLY A 106 -4.52 8.42 -12.25
C GLY A 106 -4.31 9.54 -13.24
N PRO A 107 -4.05 10.76 -12.75
CA PRO A 107 -3.80 11.91 -13.64
C PRO A 107 -2.56 11.82 -14.56
N LEU A 108 -1.62 10.91 -14.30
CA LEU A 108 -0.51 10.63 -15.23
C LEU A 108 -0.56 9.22 -15.85
N ALA A 109 -1.75 8.61 -15.81
CA ALA A 109 -1.92 7.28 -16.41
C ALA A 109 -1.53 7.22 -17.88
N GLY A 110 -0.78 6.18 -18.23
CA GLY A 110 -0.33 5.93 -19.60
C GLY A 110 0.88 6.74 -20.04
N THR A 111 1.45 7.61 -19.18
CA THR A 111 2.69 8.34 -19.54
C THR A 111 3.84 7.62 -18.91
N ALA A 112 5.05 8.08 -19.23
CA ALA A 112 6.28 7.49 -18.74
C ALA A 112 6.33 7.42 -17.21
N ARG A 113 5.70 8.41 -16.57
CA ARG A 113 5.65 8.44 -15.11
C ARG A 113 4.70 7.44 -14.45
N ASP A 114 3.79 6.85 -15.21
CA ASP A 114 2.84 5.86 -14.69
C ASP A 114 2.28 4.96 -15.82
N PRO A 115 3.14 4.14 -16.44
CA PRO A 115 2.71 3.45 -17.66
C PRO A 115 1.60 2.43 -17.52
N LEU A 116 1.47 1.80 -16.34
CA LEU A 116 0.40 0.85 -16.09
C LEU A 116 -0.70 1.35 -15.13
N ASN A 117 -0.82 2.66 -14.98
CA ASN A 117 -1.89 3.26 -14.15
C ASN A 117 -1.93 2.64 -12.76
N SER A 118 -0.83 2.70 -12.05
CA SER A 118 -0.66 1.91 -10.82
C SER A 118 -1.04 2.67 -9.56
N PHE A 119 -1.56 3.88 -9.66
CA PHE A 119 -1.73 4.77 -8.51
C PHE A 119 -3.21 5.20 -8.29
N GLY A 120 -4.02 5.23 -9.34
CA GLY A 120 -5.37 5.75 -9.24
C GLY A 120 -6.22 4.98 -8.25
N ASP A 121 -6.15 3.65 -8.28
CA ASP A 121 -7.03 2.81 -7.47
C ASP A 121 -6.66 2.89 -5.96
N ARG A 122 -5.39 3.07 -5.65
CA ARG A 122 -4.92 3.27 -4.27
C ARG A 122 -5.30 4.66 -3.71
N GLU A 123 -5.20 5.67 -4.54
CA GLU A 123 -5.71 6.99 -4.23
C GLU A 123 -7.22 6.87 -3.89
N LEU A 124 -8.02 6.24 -4.74
CA LEU A 124 -9.45 6.01 -4.44
C LEU A 124 -9.65 5.26 -3.11
N LEU A 125 -8.93 4.19 -2.90
CA LEU A 125 -9.07 3.44 -1.66
C LEU A 125 -8.57 4.15 -0.41
N LYS A 126 -7.55 5.01 -0.54
CA LYS A 126 -7.12 5.78 0.61
C LYS A 126 -8.25 6.73 1.04
N ASN A 127 -8.84 7.42 0.07
CA ASN A 127 -10.00 8.26 0.32
C ASN A 127 -11.18 7.48 0.92
N LEU A 128 -11.45 6.28 0.44
CA LEU A 128 -12.49 5.45 1.07
C LEU A 128 -12.21 5.00 2.52
N ALA A 129 -10.93 4.91 2.90
CA ALA A 129 -10.50 4.43 4.22
C ALA A 129 -10.75 5.47 5.30
N THR A 130 -10.74 6.74 4.94
CA THR A 130 -11.17 7.76 5.86
C THR A 130 -12.71 8.04 5.84
N LEU A 131 -13.39 7.69 4.76
CA LEU A 131 -14.85 7.85 4.65
C LEU A 131 -15.62 6.74 5.35
N LEU A 132 -15.19 5.51 5.14
CA LEU A 132 -15.88 4.31 5.57
C LEU A 132 -15.20 3.62 6.77
N PRO A 133 -16.00 3.27 7.80
CA PRO A 133 -15.39 2.70 9.02
C PRO A 133 -14.85 1.27 8.89
N HIS A 134 -15.35 0.50 7.93
CA HIS A 134 -14.95 -0.90 7.82
C HIS A 134 -14.01 -1.21 6.64
N VAL A 135 -13.41 -0.22 5.99
CA VAL A 135 -12.52 -0.48 4.87
C VAL A 135 -11.09 -0.70 5.32
N ASP A 136 -10.50 -1.77 4.80
CA ASP A 136 -9.21 -2.27 5.21
C ASP A 136 -8.36 -2.44 3.93
N LEU A 137 -7.16 -1.90 3.95
CA LEU A 137 -6.22 -1.87 2.83
C LEU A 137 -5.12 -2.94 2.85
N ARG A 138 -5.12 -3.80 3.86
CA ARG A 138 -4.02 -4.73 4.03
C ARG A 138 -3.91 -5.71 2.95
N LEU A 139 -5.03 -6.25 2.51
CA LEU A 139 -4.98 -7.14 1.37
C LEU A 139 -4.66 -6.40 0.07
N PHE A 140 -5.17 -5.20 -0.11
CA PHE A 140 -4.78 -4.40 -1.25
C PHE A 140 -3.26 -4.23 -1.29
N ASP A 141 -2.70 -3.79 -0.18
CA ASP A 141 -1.26 -3.57 -0.10
C ASP A 141 -0.50 -4.87 -0.31
N HIS A 142 -0.96 -5.98 0.28
CA HIS A 142 -0.25 -7.27 0.09
C HIS A 142 -0.15 -7.64 -1.39
N PHE A 143 -1.30 -7.63 -2.10
CA PHE A 143 -1.28 -7.99 -3.51
C PHE A 143 -0.56 -6.95 -4.38
N ASN A 144 -0.59 -5.69 -3.98
CA ASN A 144 0.17 -4.69 -4.70
C ASN A 144 1.66 -4.98 -4.58
N ALA A 145 2.13 -5.36 -3.40
CA ALA A 145 3.53 -5.71 -3.24
C ALA A 145 3.89 -6.95 -4.09
N GLN A 146 2.99 -7.92 -4.21
CA GLN A 146 3.31 -9.21 -4.88
C GLN A 146 3.20 -9.24 -6.39
N VAL A 147 2.26 -8.49 -6.94
CA VAL A 147 1.95 -8.56 -8.35
C VAL A 147 2.16 -7.19 -9.01
N GLY A 148 2.34 -6.13 -8.23
CA GLY A 148 2.68 -4.84 -8.79
C GLY A 148 4.09 -4.83 -9.34
N LEU A 149 4.35 -3.81 -10.12
CA LEU A 149 5.62 -3.63 -10.77
C LEU A 149 6.22 -2.26 -10.50
N ASP A 150 7.56 -2.11 -10.58
CA ASP A 150 8.16 -0.76 -10.58
C ASP A 150 8.04 -0.06 -11.96
N ARG A 151 8.46 1.21 -12.05
CA ARG A 151 8.33 1.96 -13.28
C ARG A 151 8.94 1.27 -14.47
N ALA A 152 10.21 0.88 -14.36
CA ALA A 152 10.91 0.28 -15.52
C ALA A 152 10.22 -1.01 -15.99
N GLN A 153 9.73 -1.83 -15.05
CA GLN A 153 8.94 -3.04 -15.37
C GLN A 153 7.56 -2.72 -15.97
N CYS A 154 6.89 -1.67 -15.48
CA CYS A 154 5.68 -1.19 -16.12
C CYS A 154 5.93 -0.77 -17.58
N ALA A 155 7.05 -0.11 -17.87
CA ALA A 155 7.39 0.26 -19.28
C ALA A 155 7.64 -0.96 -20.18
N VAL A 156 8.35 -1.95 -19.67
CA VAL A 156 8.52 -3.21 -20.43
C VAL A 156 7.15 -3.87 -20.70
N ALA A 157 6.29 -3.92 -19.70
CA ALA A 157 4.94 -4.53 -19.89
C ALA A 157 4.08 -3.84 -20.92
N THR A 158 4.21 -2.52 -21.02
CA THR A 158 3.49 -1.76 -22.08
C THR A 158 3.91 -2.16 -23.51
N THR A 159 5.18 -2.51 -23.71
CA THR A 159 5.64 -3.01 -25.03
C THR A 159 4.97 -4.35 -25.38
N LYS A 160 4.79 -5.21 -24.37
CA LYS A 160 4.24 -6.54 -24.56
C LYS A 160 2.71 -6.68 -24.40
N LEU A 161 1.98 -5.56 -24.26
CA LEU A 161 0.52 -5.60 -23.96
C LEU A 161 -0.30 -4.74 -24.93
N ILE A 162 -1.48 -5.23 -25.31
CA ILE A 162 -2.48 -4.42 -26.04
C ILE A 162 -2.72 -3.09 -25.31
N LYS A 163 -2.94 -2.03 -26.08
CA LYS A 163 -2.83 -0.66 -25.54
C LYS A 163 -3.99 -0.21 -24.60
N GLU A 164 -5.01 -1.06 -24.42
CA GLU A 164 -6.07 -0.85 -23.40
C GLU A 164 -6.02 -1.86 -22.23
N SER A 165 -5.07 -2.80 -22.26
CA SER A 165 -4.80 -3.65 -21.12
C SER A 165 -3.64 -3.06 -20.33
N HIS A 166 -3.34 -1.77 -20.49
CA HIS A 166 -2.26 -1.10 -19.73
C HIS A 166 -2.71 -0.77 -18.28
N ASN A 167 -3.10 -1.81 -17.54
CA ASN A 167 -3.73 -1.68 -16.24
C ASN A 167 -3.37 -2.90 -15.43
N ILE A 168 -3.24 -2.70 -14.12
CA ILE A 168 -2.94 -3.77 -13.16
C ILE A 168 -4.09 -4.05 -12.17
N VAL A 169 -4.81 -3.03 -11.72
CA VAL A 169 -5.85 -3.23 -10.75
C VAL A 169 -7.14 -2.54 -11.13
N CYS A 170 -8.26 -3.11 -10.72
CA CYS A 170 -9.48 -2.41 -10.77
C CYS A 170 -10.33 -2.66 -9.55
N THR A 171 -11.41 -1.95 -9.46
CA THR A 171 -12.12 -1.82 -8.20
C THR A 171 -13.60 -2.01 -8.40
N SER A 172 -14.30 -2.57 -7.43
CA SER A 172 -15.77 -2.60 -7.40
C SER A 172 -16.28 -2.15 -6.05
N LEU A 173 -17.49 -1.63 -6.08
CA LEU A 173 -18.13 -1.07 -4.94
C LEU A 173 -19.52 -1.68 -4.86
N ASP A 174 -19.75 -2.53 -3.83
CA ASP A 174 -21.00 -3.22 -3.65
C ASP A 174 -21.87 -2.25 -2.86
N LEU A 175 -23.07 -1.98 -3.34
CA LEU A 175 -23.94 -1.02 -2.67
C LEU A 175 -25.03 -1.79 -1.92
N LYS A 176 -24.66 -2.32 -0.77
CA LYS A 176 -25.39 -3.33 -0.04
C LYS A 176 -25.68 -2.82 1.37
N ASP A 177 -26.94 -2.91 1.81
CA ASP A 177 -27.36 -2.67 3.23
C ASP A 177 -27.12 -1.22 3.66
N GLY A 178 -27.27 -0.28 2.73
CA GLY A 178 -26.89 1.10 3.00
C GLY A 178 -25.39 1.40 3.19
N GLU A 179 -24.52 0.46 2.81
CA GLU A 179 -23.08 0.70 2.85
C GLU A 179 -22.43 0.56 1.51
N VAL A 180 -21.14 0.85 1.49
CA VAL A 180 -20.30 0.72 0.29
C VAL A 180 -19.20 -0.28 0.63
N ILE A 181 -19.14 -1.41 -0.07
CA ILE A 181 -18.19 -2.50 0.23
C ILE A 181 -17.22 -2.62 -0.94
N PRO A 182 -15.98 -2.22 -0.75
CA PRO A 182 -15.08 -2.27 -1.89
C PRO A 182 -14.43 -3.58 -2.07
N LYS A 183 -14.06 -3.89 -3.29
CA LYS A 183 -13.38 -5.08 -3.69
C LYS A 183 -12.28 -4.65 -4.64
N VAL A 184 -11.18 -5.38 -4.75
CA VAL A 184 -10.19 -5.12 -5.80
C VAL A 184 -9.77 -6.34 -6.56
N TYR A 185 -9.33 -6.14 -7.80
CA TYR A 185 -8.96 -7.22 -8.71
C TYR A 185 -7.58 -6.89 -9.25
N PHE A 186 -6.65 -7.83 -9.10
CA PHE A 186 -5.28 -7.64 -9.54
C PHE A 186 -5.06 -8.54 -10.73
N SER A 187 -4.58 -7.98 -11.84
CA SER A 187 -4.17 -8.83 -12.99
C SER A 187 -2.80 -9.31 -12.77
N THR A 188 -2.65 -10.57 -13.13
CA THR A 188 -1.40 -11.31 -13.08
C THR A 188 -0.61 -11.24 -14.37
N ILE A 189 -1.26 -10.87 -15.46
CA ILE A 189 -0.61 -10.94 -16.76
C ILE A 189 0.64 -10.03 -16.86
N PRO A 190 0.56 -8.78 -16.40
CA PRO A 190 1.76 -7.95 -16.57
C PRO A 190 3.02 -8.47 -15.91
N LYS A 191 2.92 -8.91 -14.67
CA LYS A 191 4.08 -9.49 -13.97
C LYS A 191 4.55 -10.76 -14.66
N GLY A 192 3.59 -11.55 -15.18
CA GLY A 192 3.86 -12.71 -16.00
C GLY A 192 4.72 -12.46 -17.23
N LEU A 193 4.34 -11.44 -17.99
CA LEU A 193 5.06 -11.06 -19.20
C LEU A 193 6.46 -10.53 -18.89
N VAL A 194 6.55 -9.69 -17.88
CA VAL A 194 7.79 -9.04 -17.52
C VAL A 194 8.77 -10.01 -16.90
N THR A 195 8.28 -10.89 -16.02
CA THR A 195 9.16 -11.84 -15.37
C THR A 195 9.34 -13.17 -16.12
N GLU A 196 8.52 -13.43 -17.15
CA GLU A 196 8.52 -14.69 -17.89
C GLU A 196 8.36 -15.87 -16.94
N THR A 197 7.43 -15.69 -16.02
CA THR A 197 7.08 -16.66 -15.03
C THR A 197 5.70 -17.17 -15.46
N PRO A 198 5.43 -18.45 -15.27
CA PRO A 198 4.05 -18.92 -15.45
C PRO A 198 3.03 -18.23 -14.54
N LEU A 199 1.88 -17.95 -15.10
CA LEU A 199 0.82 -17.27 -14.38
C LEU A 199 0.33 -18.04 -13.16
N PHE A 200 0.25 -19.36 -13.31
CA PHE A 200 -0.16 -20.24 -12.24
C PHE A 200 0.76 -20.11 -11.04
N ASP A 201 2.06 -20.14 -11.30
CA ASP A 201 3.08 -20.02 -10.25
C ASP A 201 3.00 -18.69 -9.53
N LEU A 202 2.87 -17.59 -10.29
CA LEU A 202 2.87 -16.27 -9.61
C LEU A 202 1.57 -16.02 -8.88
N THR A 203 0.47 -16.56 -9.35
CA THR A 203 -0.80 -16.43 -8.67
C THR A 203 -0.74 -17.05 -7.30
N PHE A 204 -0.34 -18.32 -7.28
CA PHE A 204 -0.31 -19.05 -6.04
C PHE A 204 0.80 -18.60 -5.11
N ALA A 205 1.96 -18.26 -5.67
CA ALA A 205 3.02 -17.68 -4.86
C ALA A 205 2.55 -16.41 -4.11
N ALA A 206 1.85 -15.52 -4.80
CA ALA A 206 1.31 -14.32 -4.15
C ALA A 206 0.30 -14.67 -3.05
N ILE A 207 -0.58 -15.60 -3.34
CA ILE A 207 -1.54 -16.04 -2.33
C ILE A 207 -0.86 -16.74 -1.14
N GLU A 208 0.14 -17.56 -1.42
CA GLU A 208 0.80 -18.35 -0.37
C GLU A 208 1.63 -17.50 0.55
N GLN A 209 1.94 -16.29 0.11
CA GLN A 209 2.61 -15.33 0.97
C GLN A 209 1.69 -14.46 1.90
N MET A 210 0.36 -14.51 1.76
CA MET A 210 -0.53 -13.77 2.65
C MET A 210 -0.31 -14.10 4.13
N GLU A 211 -0.44 -13.08 4.99
CA GLU A 211 -0.44 -13.28 6.44
C GLU A 211 -1.49 -14.38 6.86
N VAL A 212 -2.73 -14.22 6.39
CA VAL A 212 -3.78 -15.15 6.67
C VAL A 212 -3.53 -16.57 6.21
N TYR A 213 -2.80 -16.75 5.11
CA TYR A 213 -2.45 -18.11 4.62
C TYR A 213 -1.55 -18.83 5.62
N HIS A 214 -0.54 -18.12 6.13
CA HIS A 214 0.40 -18.65 7.11
C HIS A 214 -0.26 -19.07 8.44
N LYS A 215 -1.41 -18.49 8.81
CA LYS A 215 -2.06 -18.83 10.09
C LYS A 215 -3.43 -19.53 9.97
N ASP A 216 -3.84 -19.97 8.77
CA ASP A 216 -5.16 -20.56 8.59
C ASP A 216 -5.09 -21.83 7.77
N ALA A 217 -5.13 -22.96 8.46
CA ALA A 217 -5.06 -24.27 7.81
C ALA A 217 -6.16 -24.52 6.75
N PRO A 218 -7.42 -24.12 7.05
CA PRO A 218 -8.49 -24.44 6.11
C PRO A 218 -8.33 -23.77 4.76
N LEU A 219 -7.95 -22.49 4.77
CA LEU A 219 -7.64 -21.80 3.51
C LEU A 219 -6.53 -22.51 2.72
N ARG A 220 -5.48 -22.95 3.41
CA ARG A 220 -4.35 -23.66 2.79
C ARG A 220 -4.78 -24.95 2.13
N THR A 221 -5.76 -25.64 2.76
CA THR A 221 -6.32 -26.88 2.22
C THR A 221 -7.14 -26.59 1.01
N ALA A 222 -8.07 -25.63 1.13
CA ALA A 222 -8.93 -25.23 0.02
C ALA A 222 -8.09 -24.84 -1.21
N LEU A 223 -7.05 -24.10 -0.96
CA LEU A 223 -6.15 -23.69 -2.02
C LEU A 223 -5.37 -24.83 -2.68
N SER A 224 -4.81 -25.72 -1.86
CA SER A 224 -4.16 -26.94 -2.34
C SER A 224 -5.08 -27.77 -3.25
N SER A 225 -6.36 -27.94 -2.88
CA SER A 225 -7.35 -28.60 -3.80
C SER A 225 -7.60 -27.81 -5.08
N LEU A 226 -7.60 -26.48 -4.99
CA LEU A 226 -7.79 -25.68 -6.19
C LEU A 226 -6.58 -25.83 -7.09
N LYS A 227 -5.40 -25.70 -6.51
CA LYS A 227 -4.15 -25.94 -7.25
C LYS A 227 -4.18 -27.31 -7.99
N ASP A 228 -4.58 -28.37 -7.28
CA ASP A 228 -4.58 -29.72 -7.87
C ASP A 228 -5.52 -29.81 -9.05
N PHE A 229 -6.65 -29.11 -8.97
CA PHE A 229 -7.57 -29.03 -10.12
C PHE A 229 -6.97 -28.16 -11.25
N LEU A 230 -6.35 -27.05 -10.91
CA LEU A 230 -5.90 -26.12 -11.96
C LEU A 230 -4.58 -26.56 -12.65
N ARG A 231 -3.66 -27.19 -11.90
CA ARG A 231 -2.34 -27.59 -12.44
C ARG A 231 -2.38 -28.21 -13.86
N PRO A 232 -3.22 -29.26 -14.08
CA PRO A 232 -3.27 -29.89 -15.41
C PRO A 232 -4.13 -29.19 -16.47
N ARG A 233 -4.91 -28.18 -16.08
CA ARG A 233 -5.77 -27.46 -17.02
C ARG A 233 -5.17 -26.16 -17.55
N VAL A 234 -4.33 -25.47 -16.76
CA VAL A 234 -3.75 -24.17 -17.18
C VAL A 234 -2.34 -24.40 -17.62
N PRO A 235 -1.69 -23.42 -18.26
CA PRO A 235 -0.28 -23.60 -18.62
C PRO A 235 0.72 -23.85 -17.52
N THR A 236 1.65 -24.75 -17.77
CA THR A 236 2.82 -24.98 -16.95
C THR A 236 3.99 -24.06 -17.36
N ASP A 237 3.93 -23.59 -18.63
CA ASP A 237 4.89 -22.62 -19.17
C ASP A 237 4.45 -21.14 -18.92
N ALA A 238 5.20 -20.17 -19.48
CA ALA A 238 5.00 -18.74 -19.26
C ALA A 238 3.97 -18.17 -20.22
N SER A 239 3.30 -19.00 -21.00
CA SER A 239 2.43 -18.49 -22.06
C SER A 239 1.12 -17.92 -21.50
N ILE A 240 0.50 -17.08 -22.33
CA ILE A 240 -0.78 -16.45 -22.07
C ILE A 240 -1.88 -17.11 -22.93
N THR A 241 -2.09 -18.36 -22.65
CA THR A 241 -3.02 -19.12 -23.44
C THR A 241 -4.01 -19.71 -22.48
N PRO A 242 -5.22 -19.97 -22.96
CA PRO A 242 -6.29 -20.29 -22.06
C PRO A 242 -6.43 -21.77 -21.81
N PRO A 243 -7.17 -22.20 -20.78
CA PRO A 243 -7.64 -21.33 -19.71
C PRO A 243 -6.45 -20.83 -18.87
N LEU A 244 -6.54 -19.63 -18.28
CA LEU A 244 -5.47 -19.13 -17.43
C LEU A 244 -5.97 -18.40 -16.20
N THR A 245 -5.14 -18.41 -15.16
CA THR A 245 -5.39 -17.66 -13.95
C THR A 245 -5.00 -16.18 -14.20
N GLY A 246 -5.98 -15.37 -14.57
CA GLY A 246 -5.74 -13.96 -14.97
C GLY A 246 -6.04 -12.86 -13.96
N LEU A 247 -6.74 -13.20 -12.88
CA LEU A 247 -7.17 -12.21 -11.90
C LEU A 247 -7.26 -12.81 -10.55
N ILE A 248 -6.82 -12.02 -9.59
CA ILE A 248 -7.05 -12.28 -8.20
C ILE A 248 -7.94 -11.19 -7.62
N GLY A 249 -9.03 -11.59 -6.95
CA GLY A 249 -9.97 -10.71 -6.31
C GLY A 249 -9.95 -10.83 -4.78
N VAL A 250 -9.97 -9.68 -4.08
CA VAL A 250 -10.10 -9.62 -2.65
C VAL A 250 -11.14 -8.58 -2.21
N ASP A 251 -11.77 -8.81 -1.06
CA ASP A 251 -12.57 -7.81 -0.37
C ASP A 251 -11.65 -6.92 0.48
N CYS A 252 -11.93 -5.61 0.51
CA CYS A 252 -11.16 -4.67 1.29
C CYS A 252 -11.70 -4.56 2.69
N ILE A 253 -11.63 -5.67 3.40
CA ILE A 253 -12.09 -5.82 4.77
C ILE A 253 -11.03 -6.63 5.51
N ASP A 254 -11.24 -6.85 6.80
CA ASP A 254 -10.35 -7.69 7.65
C ASP A 254 -9.89 -8.93 6.85
N PRO A 255 -8.56 -9.16 6.74
CA PRO A 255 -8.13 -10.30 5.97
C PRO A 255 -8.81 -11.63 6.32
N MET A 256 -9.12 -11.81 7.60
CA MET A 256 -9.72 -13.03 8.09
C MET A 256 -11.17 -13.22 7.64
N LEU A 257 -11.87 -12.14 7.30
CA LEU A 257 -13.23 -12.23 6.76
C LEU A 257 -13.27 -12.22 5.23
N SER A 258 -12.15 -11.90 4.58
CA SER A 258 -12.18 -11.55 3.17
C SER A 258 -12.22 -12.78 2.30
N ARG A 259 -13.12 -12.77 1.34
CA ARG A 259 -13.15 -13.81 0.31
C ARG A 259 -11.98 -13.55 -0.65
N LEU A 260 -11.25 -14.60 -0.94
CA LEU A 260 -10.18 -14.57 -1.93
C LEU A 260 -10.70 -15.32 -3.16
N LYS A 261 -10.57 -14.68 -4.31
CA LYS A 261 -11.09 -15.21 -5.55
C LYS A 261 -10.01 -15.39 -6.59
N VAL A 262 -10.00 -16.55 -7.22
CA VAL A 262 -9.15 -16.81 -8.36
C VAL A 262 -10.03 -16.96 -9.64
N TYR A 263 -9.79 -16.13 -10.64
CA TYR A 263 -10.58 -16.09 -11.84
C TYR A 263 -9.81 -16.78 -13.00
N LEU A 264 -10.48 -17.68 -13.69
CA LEU A 264 -9.95 -18.20 -14.92
C LEU A 264 -10.56 -17.45 -16.08
N ALA A 265 -9.76 -17.16 -17.09
CA ALA A 265 -10.26 -16.68 -18.37
C ALA A 265 -10.02 -17.71 -19.44
N THR A 266 -11.03 -17.97 -20.25
CA THR A 266 -10.91 -18.98 -21.31
C THR A 266 -11.84 -18.66 -22.44
N PHE A 267 -11.48 -19.12 -23.65
CA PHE A 267 -12.30 -18.93 -24.84
C PHE A 267 -13.24 -20.10 -25.17
N ARG A 268 -12.96 -21.28 -24.65
CA ARG A 268 -13.71 -22.51 -24.98
C ARG A 268 -14.62 -22.91 -23.85
N MET A 269 -15.88 -23.10 -24.20
CA MET A 269 -16.89 -23.50 -23.25
C MET A 269 -17.94 -24.31 -24.00
N ASP A 270 -18.12 -25.54 -23.60
CA ASP A 270 -19.21 -26.37 -24.07
C ASP A 270 -19.74 -27.04 -22.80
N LEU A 271 -20.79 -27.85 -22.94
CA LEU A 271 -21.45 -28.47 -21.77
C LEU A 271 -20.51 -29.35 -20.95
N SER A 272 -19.61 -30.02 -21.63
CA SER A 272 -18.58 -30.79 -20.95
C SER A 272 -17.61 -29.91 -20.08
N LEU A 273 -17.11 -28.81 -20.63
CA LEU A 273 -16.19 -27.96 -19.83
C LEU A 273 -16.95 -27.29 -18.64
N ILE A 274 -18.24 -26.97 -18.85
CA ILE A 274 -19.07 -26.44 -17.80
C ILE A 274 -19.11 -27.39 -16.64
N ARG A 275 -19.38 -28.66 -16.93
CA ARG A 275 -19.36 -29.72 -15.91
C ARG A 275 -18.00 -29.80 -15.27
N ASP A 276 -16.97 -29.84 -16.07
CA ASP A 276 -15.64 -29.90 -15.54
C ASP A 276 -15.37 -28.70 -14.56
N TYR A 277 -15.62 -27.45 -15.01
CA TYR A 277 -15.37 -26.25 -14.14
C TYR A 277 -16.32 -26.22 -12.91
N TRP A 278 -17.59 -26.50 -13.16
CA TRP A 278 -18.59 -26.44 -12.10
C TRP A 278 -18.37 -27.42 -10.96
N THR A 279 -17.96 -28.64 -11.28
CA THR A 279 -17.77 -29.70 -10.28
C THR A 279 -16.33 -29.95 -9.88
N LEU A 280 -15.40 -29.19 -10.46
CA LEU A 280 -13.97 -29.36 -10.21
C LEU A 280 -13.53 -30.76 -10.68
N GLY A 281 -13.97 -31.10 -11.88
CA GLY A 281 -13.64 -32.35 -12.55
C GLY A 281 -14.11 -33.57 -11.81
N GLY A 282 -15.35 -33.57 -11.34
CA GLY A 282 -15.93 -34.67 -10.57
C GLY A 282 -15.69 -34.68 -9.06
N LEU A 283 -14.89 -33.77 -8.52
CA LEU A 283 -14.68 -33.66 -7.05
C LEU A 283 -15.97 -33.37 -6.26
N LEU A 284 -16.82 -32.48 -6.78
CA LEU A 284 -18.09 -32.09 -6.15
C LEU A 284 -19.19 -32.90 -6.79
N THR A 285 -19.95 -33.62 -5.97
CA THR A 285 -21.01 -34.49 -6.49
C THR A 285 -22.37 -34.40 -5.79
N ASP A 286 -22.50 -33.53 -4.79
CA ASP A 286 -23.76 -33.35 -4.02
C ASP A 286 -24.90 -32.73 -4.84
N ALA A 287 -26.11 -32.82 -4.30
CA ALA A 287 -27.30 -32.36 -5.03
C ALA A 287 -27.29 -30.84 -5.23
N GLY A 288 -26.71 -30.10 -4.29
CA GLY A 288 -26.55 -28.64 -4.42
C GLY A 288 -25.83 -28.29 -5.71
N THR A 289 -24.63 -28.84 -5.83
CA THR A 289 -23.81 -28.72 -7.03
C THR A 289 -24.55 -29.09 -8.31
N MET A 290 -25.29 -30.20 -8.28
CA MET A 290 -25.97 -30.70 -9.49
C MET A 290 -27.20 -29.87 -9.87
N LYS A 291 -27.89 -29.31 -8.88
CA LYS A 291 -29.02 -28.41 -9.16
C LYS A 291 -28.49 -27.15 -9.87
N GLY A 292 -27.41 -26.59 -9.33
CA GLY A 292 -26.80 -25.42 -9.96
C GLY A 292 -26.25 -25.75 -11.33
N LEU A 293 -25.69 -26.94 -11.48
CA LEU A 293 -25.21 -27.38 -12.78
C LEU A 293 -26.33 -27.42 -13.83
N GLU A 294 -27.49 -27.92 -13.47
CA GLU A 294 -28.63 -28.00 -14.42
C GLU A 294 -29.03 -26.58 -14.87
N MET A 295 -29.08 -25.68 -13.90
CA MET A 295 -29.38 -24.28 -14.16
C MET A 295 -28.37 -23.63 -15.11
N VAL A 296 -27.08 -23.85 -14.87
CA VAL A 296 -26.05 -23.24 -15.73
C VAL A 296 -26.07 -23.83 -17.14
N GLU A 297 -26.29 -25.13 -17.26
CA GLU A 297 -26.48 -25.78 -18.57
C GLU A 297 -27.66 -25.18 -19.33
N THR A 298 -28.78 -24.99 -18.63
CA THR A 298 -29.96 -24.39 -19.25
C THR A 298 -29.70 -22.98 -19.78
N LEU A 299 -29.04 -22.19 -18.96
CA LEU A 299 -28.74 -20.81 -19.33
C LEU A 299 -27.92 -20.75 -20.61
N ALA A 300 -26.88 -21.58 -20.67
CA ALA A 300 -26.06 -21.72 -21.89
C ALA A 300 -26.86 -22.06 -23.17
N LYS A 301 -27.72 -23.07 -23.04
CA LYS A 301 -28.64 -23.48 -24.09
C LYS A 301 -29.50 -22.27 -24.43
N THR A 302 -30.04 -21.58 -23.42
CA THR A 302 -30.91 -20.42 -23.71
C THR A 302 -30.21 -19.29 -24.52
N LEU A 303 -28.90 -19.07 -24.27
CA LEU A 303 -28.10 -18.04 -24.98
C LEU A 303 -27.47 -18.40 -26.32
N ARG A 317 -15.00 -10.34 -29.12
CA ARG A 317 -15.31 -11.50 -28.29
C ARG A 317 -14.41 -11.60 -27.03
N LEU A 318 -15.05 -11.49 -25.86
CA LEU A 318 -14.39 -11.58 -24.56
C LEU A 318 -14.35 -13.03 -24.10
N PRO A 319 -13.44 -13.36 -23.20
CA PRO A 319 -13.43 -14.70 -22.73
C PRO A 319 -14.59 -15.03 -21.78
N PHE A 320 -14.79 -16.32 -21.53
CA PHE A 320 -15.64 -16.78 -20.45
C PHE A 320 -14.82 -16.61 -19.18
N GLY A 321 -15.48 -16.36 -18.05
CA GLY A 321 -14.80 -16.29 -16.76
C GLY A 321 -15.31 -17.37 -15.83
N ILE A 322 -14.40 -17.96 -15.05
CA ILE A 322 -14.77 -18.87 -13.99
C ILE A 322 -14.10 -18.38 -12.70
N ASN A 323 -14.89 -18.20 -11.64
CA ASN A 323 -14.44 -17.49 -10.41
C ASN A 323 -14.53 -18.49 -9.26
N TYR A 324 -13.39 -18.94 -8.75
CA TYR A 324 -13.34 -19.82 -7.58
C TYR A 324 -13.09 -18.98 -6.34
N ALA A 325 -13.99 -19.15 -5.37
CA ALA A 325 -14.08 -18.34 -4.17
C ALA A 325 -13.67 -19.16 -2.98
N MET A 326 -12.75 -18.61 -2.19
CA MET A 326 -12.35 -19.18 -0.92
C MET A 326 -12.41 -18.16 0.19
N LYS A 327 -12.62 -18.66 1.42
CA LYS A 327 -12.75 -17.83 2.62
C LYS A 327 -11.88 -18.45 3.71
N PRO A 328 -11.20 -17.64 4.53
CA PRO A 328 -10.61 -18.27 5.71
C PRO A 328 -11.66 -18.97 6.60
N GLY A 329 -11.21 -20.06 7.23
CA GLY A 329 -12.08 -20.95 8.02
C GLY A 329 -12.91 -21.93 7.19
N THR A 330 -12.73 -21.99 5.88
CA THR A 330 -13.47 -22.93 5.04
C THR A 330 -12.45 -23.80 4.29
N ALA A 331 -12.44 -25.11 4.53
CA ALA A 331 -11.47 -26.04 3.92
C ALA A 331 -11.92 -26.63 2.60
N GLU A 332 -13.21 -26.51 2.32
CA GLU A 332 -13.84 -27.18 1.21
C GLU A 332 -14.13 -26.14 0.09
N LEU A 333 -13.74 -26.46 -1.14
CA LEU A 333 -14.12 -25.68 -2.29
C LEU A 333 -15.58 -25.87 -2.63
N ALA A 334 -16.24 -24.80 -3.01
CA ALA A 334 -17.59 -24.79 -3.51
C ALA A 334 -17.55 -24.61 -5.04
N PRO A 335 -18.69 -24.84 -5.72
CA PRO A 335 -18.70 -24.56 -7.18
C PRO A 335 -18.37 -23.08 -7.50
N PRO A 336 -17.75 -22.82 -8.66
CA PRO A 336 -17.47 -21.43 -9.03
C PRO A 336 -18.73 -20.69 -9.50
N GLN A 337 -18.52 -19.43 -9.87
CA GLN A 337 -19.49 -18.65 -10.64
C GLN A 337 -18.92 -18.62 -12.04
N ILE A 338 -19.81 -18.71 -13.02
CA ILE A 338 -19.38 -18.71 -14.42
C ILE A 338 -19.92 -17.48 -15.09
N TYR A 339 -19.04 -16.77 -15.79
CA TYR A 339 -19.41 -15.50 -16.45
C TYR A 339 -19.43 -15.73 -17.96
N PHE A 340 -20.60 -15.50 -18.55
CA PHE A 340 -20.85 -15.56 -19.96
C PHE A 340 -20.65 -14.18 -20.55
N PRO A 341 -19.80 -14.04 -21.59
CA PRO A 341 -19.58 -12.74 -22.21
C PRO A 341 -20.65 -12.48 -23.21
N LEU A 342 -21.10 -11.26 -23.26
CA LEU A 342 -22.25 -10.88 -24.05
C LEU A 342 -21.96 -9.77 -25.04
N LEU A 343 -20.71 -9.30 -25.09
CA LEU A 343 -20.30 -8.23 -26.04
C LEU A 343 -20.44 -8.73 -27.48
N GLY A 344 -21.07 -7.96 -28.36
CA GLY A 344 -21.33 -8.41 -29.75
C GLY A 344 -22.63 -9.21 -29.97
N ILE A 345 -23.30 -9.63 -28.89
CA ILE A 345 -24.64 -10.19 -29.02
C ILE A 345 -25.70 -9.10 -28.81
N ASN A 346 -26.70 -9.09 -29.67
CA ASN A 346 -27.82 -8.13 -29.60
C ASN A 346 -28.50 -8.16 -28.23
N ASP A 347 -28.79 -6.97 -27.72
CA ASP A 347 -29.27 -6.76 -26.33
C ASP A 347 -30.75 -7.04 -26.22
N GLY A 348 -31.48 -6.86 -27.34
CA GLY A 348 -32.88 -7.31 -27.43
C GLY A 348 -32.99 -8.82 -27.29
N PHE A 349 -32.14 -9.55 -27.99
CA PHE A 349 -32.06 -11.01 -27.82
C PHE A 349 -31.68 -11.46 -26.41
N ILE A 350 -30.68 -10.80 -25.82
CA ILE A 350 -30.29 -11.12 -24.43
C ILE A 350 -31.46 -10.87 -23.49
N ALA A 351 -32.15 -9.77 -23.67
CA ALA A 351 -33.33 -9.50 -22.82
C ALA A 351 -34.41 -10.58 -22.93
N ASP A 352 -34.78 -10.95 -24.18
CA ASP A 352 -35.72 -12.09 -24.41
C ASP A 352 -35.18 -13.38 -23.80
N ALA A 353 -33.90 -13.64 -24.01
CA ALA A 353 -33.24 -14.79 -23.40
C ALA A 353 -33.34 -14.78 -21.89
N LEU A 354 -33.17 -13.62 -21.27
CA LEU A 354 -33.27 -13.54 -19.80
C LEU A 354 -34.68 -13.72 -19.26
N VAL A 355 -35.67 -13.23 -19.99
CA VAL A 355 -37.08 -13.39 -19.58
C VAL A 355 -37.36 -14.90 -19.54
N GLU A 356 -37.05 -15.55 -20.65
CA GLU A 356 -37.23 -17.02 -20.80
C GLU A 356 -36.58 -17.75 -19.63
N PHE A 357 -35.34 -17.38 -19.34
CA PHE A 357 -34.60 -17.98 -18.23
C PHE A 357 -35.17 -17.67 -16.83
N PHE A 358 -35.67 -16.46 -16.62
CA PHE A 358 -36.32 -16.17 -15.33
C PHE A 358 -37.62 -16.99 -15.19
N GLN A 359 -38.29 -17.27 -16.30
CA GLN A 359 -39.45 -18.17 -16.26
C GLN A 359 -39.03 -19.59 -15.83
N TYR A 360 -38.05 -20.19 -16.54
CA TYR A 360 -37.46 -21.46 -16.10
C TYR A 360 -37.18 -21.55 -14.60
N MET A 361 -36.72 -20.46 -14.00
CA MET A 361 -36.37 -20.44 -12.56
C MET A 361 -37.57 -20.31 -11.63
N GLY A 362 -38.73 -19.99 -12.17
CA GLY A 362 -39.89 -19.67 -11.36
C GLY A 362 -39.78 -18.31 -10.69
N TRP A 363 -39.13 -17.35 -11.37
CA TRP A 363 -39.12 -15.93 -10.96
C TRP A 363 -40.00 -15.16 -11.92
N GLU A 364 -41.32 -15.29 -11.74
CA GLU A 364 -42.26 -14.70 -12.69
C GLU A 364 -42.26 -13.18 -12.62
N ASP A 365 -42.13 -12.66 -11.39
CA ASP A 365 -42.01 -11.22 -11.15
C ASP A 365 -40.84 -10.60 -11.97
N GLN A 366 -39.62 -11.13 -11.79
CA GLN A 366 -38.43 -10.69 -12.55
C GLN A 366 -38.55 -10.80 -14.07
N ALA A 367 -39.19 -11.88 -14.55
CA ALA A 367 -39.43 -12.04 -15.98
C ALA A 367 -40.37 -11.00 -16.57
N ASN A 368 -41.41 -10.63 -15.83
CA ASN A 368 -42.43 -9.68 -16.33
C ASN A 368 -41.98 -8.22 -16.32
N ARG A 369 -41.00 -7.89 -15.49
CA ARG A 369 -40.50 -6.51 -15.50
C ARG A 369 -39.20 -6.29 -16.24
N TYR A 370 -38.39 -7.36 -16.47
CA TYR A 370 -37.00 -7.18 -16.92
C TYR A 370 -36.91 -6.29 -18.13
N LYS A 371 -37.79 -6.50 -19.08
CA LYS A 371 -37.65 -5.84 -20.36
C LYS A 371 -38.00 -4.37 -20.24
N ASP A 372 -39.08 -4.07 -19.53
CA ASP A 372 -39.49 -2.67 -19.33
C ASP A 372 -38.46 -1.89 -18.49
N GLU A 373 -37.95 -2.54 -17.45
CA GLU A 373 -36.96 -1.97 -16.56
C GLU A 373 -35.65 -1.69 -17.30
N LEU A 374 -35.28 -2.57 -18.23
CA LEU A 374 -34.11 -2.35 -19.07
C LEU A 374 -34.24 -1.13 -19.97
N LYS A 375 -35.41 -0.95 -20.59
CA LYS A 375 -35.64 0.22 -21.42
C LYS A 375 -35.56 1.52 -20.65
N ALA A 376 -36.17 1.49 -19.47
CA ALA A 376 -36.14 2.62 -18.58
C ALA A 376 -34.71 2.90 -17.96
N LYS A 377 -33.84 1.89 -17.77
CA LYS A 377 -32.46 2.18 -17.36
C LYS A 377 -31.72 2.96 -18.42
N PHE A 378 -32.05 2.74 -19.69
CA PHE A 378 -31.25 3.27 -20.80
C PHE A 378 -32.14 3.99 -21.79
N PRO A 379 -32.89 5.00 -21.34
CA PRO A 379 -33.85 5.63 -22.26
C PRO A 379 -33.24 6.35 -23.46
N ASN A 380 -32.01 6.85 -23.38
CA ASN A 380 -31.44 7.60 -24.51
C ASN A 380 -30.96 6.74 -25.68
N VAL A 381 -30.98 5.42 -25.53
CA VAL A 381 -30.59 4.50 -26.59
C VAL A 381 -31.75 3.50 -26.84
N ASP A 382 -31.79 2.88 -28.02
CA ASP A 382 -32.77 1.82 -28.31
C ASP A 382 -32.01 0.53 -28.08
N ILE A 383 -32.37 -0.21 -27.04
CA ILE A 383 -31.61 -1.38 -26.63
C ILE A 383 -31.81 -2.54 -27.59
N SER A 384 -32.84 -2.49 -28.41
CA SER A 384 -33.01 -3.50 -29.45
C SER A 384 -32.05 -3.33 -30.63
N GLN A 385 -31.43 -2.15 -30.80
CA GLN A 385 -30.38 -1.92 -31.82
C GLN A 385 -28.97 -2.20 -31.33
N THR A 386 -28.73 -2.17 -30.01
CA THR A 386 -27.37 -2.27 -29.46
C THR A 386 -26.88 -3.70 -29.30
N LYS A 387 -25.56 -3.81 -29.36
CA LYS A 387 -24.84 -5.08 -29.08
C LYS A 387 -23.84 -5.01 -27.89
N ASN A 388 -23.75 -3.87 -27.21
CA ASN A 388 -22.68 -3.68 -26.20
C ASN A 388 -23.15 -3.30 -24.78
N VAL A 389 -24.45 -3.25 -24.55
CA VAL A 389 -25.00 -2.80 -23.27
C VAL A 389 -24.85 -3.91 -22.24
N HIS A 390 -25.34 -5.12 -22.51
CA HIS A 390 -25.17 -6.22 -21.60
C HIS A 390 -23.79 -6.68 -21.84
N ARG A 391 -22.98 -6.79 -20.80
CA ARG A 391 -21.62 -7.22 -21.02
C ARG A 391 -21.32 -8.61 -20.52
N TRP A 392 -21.77 -8.92 -19.33
CA TRP A 392 -21.49 -10.21 -18.69
C TRP A 392 -22.76 -10.62 -18.06
N LEU A 393 -22.88 -11.93 -17.93
CA LEU A 393 -23.93 -12.52 -17.18
C LEU A 393 -23.29 -13.58 -16.35
N GLY A 394 -23.16 -13.34 -15.05
CA GLY A 394 -22.57 -14.31 -14.11
C GLY A 394 -23.65 -15.08 -13.43
N VAL A 395 -23.36 -16.34 -13.14
CA VAL A 395 -24.36 -17.22 -12.53
C VAL A 395 -23.78 -17.95 -11.35
N ALA A 396 -24.66 -18.15 -10.35
CA ALA A 396 -24.27 -18.71 -9.06
C ALA A 396 -25.40 -19.50 -8.43
N TYR A 397 -25.00 -20.52 -7.68
CA TYR A 397 -25.89 -21.22 -6.77
C TYR A 397 -25.24 -21.33 -5.40
N SER A 398 -26.04 -21.11 -4.36
CA SER A 398 -25.71 -21.46 -2.98
C SER A 398 -26.89 -22.32 -2.48
N GLU A 399 -26.61 -23.22 -1.53
CA GLU A 399 -27.67 -24.04 -0.88
C GLU A 399 -28.43 -23.26 0.22
N THR A 400 -27.69 -22.46 1.00
CA THR A 400 -28.24 -21.58 2.05
C THR A 400 -29.04 -20.39 1.49
N LYS A 401 -28.41 -19.58 0.63
CA LYS A 401 -29.06 -18.43 -0.04
C LYS A 401 -30.01 -18.89 -1.16
N GLY A 402 -29.44 -19.46 -2.22
CA GLY A 402 -30.22 -19.84 -3.40
C GLY A 402 -29.49 -19.55 -4.71
N PRO A 403 -30.22 -19.60 -5.83
CA PRO A 403 -29.61 -19.23 -7.10
C PRO A 403 -29.53 -17.69 -7.21
N SER A 404 -28.53 -17.17 -7.93
CA SER A 404 -28.44 -15.75 -8.20
C SER A 404 -27.96 -15.46 -9.62
N MET A 405 -28.39 -14.29 -10.11
CA MET A 405 -28.13 -13.80 -11.45
C MET A 405 -27.36 -12.45 -11.32
N ASN A 406 -26.22 -12.32 -11.98
CA ASN A 406 -25.42 -11.12 -11.99
C ASN A 406 -25.33 -10.61 -13.39
N ILE A 407 -25.90 -9.44 -13.64
CA ILE A 407 -25.89 -8.82 -14.94
C ILE A 407 -25.02 -7.56 -14.90
N TYR A 408 -24.01 -7.51 -15.77
CA TYR A 408 -23.11 -6.42 -15.87
C TYR A 408 -23.45 -5.58 -17.13
N TYR A 409 -23.76 -4.29 -16.93
CA TYR A 409 -24.03 -3.35 -17.99
C TYR A 409 -22.89 -2.35 -18.21
N ASP A 410 -22.57 -2.12 -19.47
CA ASP A 410 -21.72 -1.04 -19.93
C ASP A 410 -22.64 0.17 -19.98
N VAL A 411 -22.56 0.98 -18.94
CA VAL A 411 -23.50 2.09 -18.72
C VAL A 411 -23.39 3.16 -19.80
N VAL A 412 -22.15 3.58 -20.10
CA VAL A 412 -21.88 4.57 -21.13
C VAL A 412 -22.45 4.11 -22.50
N ALA A 413 -22.29 2.84 -22.84
CA ALA A 413 -22.88 2.33 -24.09
C ALA A 413 -24.44 2.42 -24.11
N GLY A 414 -25.11 2.33 -22.96
CA GLY A 414 -26.55 2.58 -22.89
C GLY A 414 -27.01 4.04 -22.77
N ASN A 415 -26.08 4.99 -22.83
CA ASN A 415 -26.42 6.42 -22.73
C ASN A 415 -25.97 7.31 -23.90
N VAL A 416 -25.01 6.89 -24.72
CA VAL A 416 -24.38 7.85 -25.69
C VAL A 416 -25.22 8.10 -26.94
N ARG B 6 20.22 33.14 -0.28
CA ARG B 6 19.35 33.41 -1.49
C ARG B 6 18.41 32.21 -1.94
N PRO B 7 18.87 30.98 -2.27
CA PRO B 7 17.82 30.05 -2.81
C PRO B 7 16.51 29.87 -2.02
N TRP B 8 16.62 29.86 -0.69
CA TRP B 8 15.48 29.59 0.11
C TRP B 8 14.57 30.80 0.04
N GLN B 9 15.13 31.98 -0.26
CA GLN B 9 14.38 33.24 -0.30
C GLN B 9 13.80 33.43 -1.67
N ILE B 10 14.52 33.04 -2.71
CA ILE B 10 14.06 33.12 -4.04
C ILE B 10 12.84 32.27 -4.20
N LEU B 11 12.89 31.07 -3.65
CA LEU B 11 11.83 30.09 -3.85
C LEU B 11 10.58 30.55 -3.11
N SER B 12 10.76 31.15 -1.95
CA SER B 12 9.69 31.81 -1.23
C SER B 12 9.02 32.96 -2.04
N GLN B 13 9.80 33.77 -2.72
CA GLN B 13 9.27 34.81 -3.62
C GLN B 13 8.60 34.24 -4.87
N ALA B 14 9.15 33.13 -5.41
CA ALA B 14 8.61 32.56 -6.63
C ALA B 14 7.33 31.76 -6.39
N LEU B 15 7.27 31.06 -5.25
CA LEU B 15 6.20 30.10 -5.02
C LEU B 15 5.12 30.54 -4.04
N GLY B 16 5.45 31.37 -3.08
CA GLY B 16 4.53 31.69 -2.02
C GLY B 16 4.14 30.48 -1.20
N PHE B 17 2.96 30.53 -0.56
CA PHE B 17 2.48 29.44 0.30
C PHE B 17 0.98 29.30 0.18
N PRO B 18 0.48 28.08 0.14
CA PRO B 18 -0.98 27.87 0.08
C PRO B 18 -1.69 28.17 1.39
N ASN B 19 -1.00 28.19 2.52
CA ASN B 19 -1.62 28.50 3.82
C ASN B 19 -0.55 28.90 4.79
N TYR B 20 -0.95 29.37 5.96
CA TYR B 20 -0.01 29.94 6.88
C TYR B 20 0.87 28.89 7.55
N ASP B 21 0.34 27.72 7.79
CA ASP B 21 1.12 26.65 8.36
C ASP B 21 2.32 26.34 7.52
N GLN B 22 2.13 26.21 6.21
CA GLN B 22 3.25 25.97 5.32
C GLN B 22 4.27 27.09 5.32
N GLU B 23 3.82 28.33 5.40
CA GLU B 23 4.75 29.45 5.52
C GLU B 23 5.56 29.38 6.80
N LEU B 24 4.87 29.11 7.88
CA LEU B 24 5.52 29.08 9.18
C LEU B 24 6.58 27.92 9.16
N TRP B 25 6.26 26.75 8.62
CA TRP B 25 7.27 25.68 8.54
C TRP B 25 8.49 26.14 7.71
N TRP B 26 8.24 26.84 6.62
CA TRP B 26 9.34 27.28 5.76
C TRP B 26 10.16 28.35 6.46
N GLN B 27 9.49 29.31 7.10
CA GLN B 27 10.20 30.34 7.91
C GLN B 27 11.00 29.80 9.10
N ASN B 28 10.74 28.55 9.51
CA ASN B 28 11.46 27.98 10.66
C ASN B 28 12.29 26.76 10.29
N THR B 29 12.42 26.46 8.99
CA THR B 29 13.24 25.35 8.54
C THR B 29 14.08 25.58 7.32
N ALA B 30 13.61 26.34 6.34
CA ALA B 30 14.23 26.34 5.03
C ALA B 30 15.59 27.06 4.98
N GLU B 31 15.73 28.17 5.72
CA GLU B 31 17.03 28.84 5.85
C GLU B 31 18.07 27.86 6.43
N THR B 32 17.74 27.20 7.53
CA THR B 32 18.63 26.18 8.08
C THR B 32 18.93 25.11 7.02
N LEU B 33 17.90 24.57 6.35
CA LEU B 33 18.16 23.56 5.35
C LEU B 33 19.13 24.09 4.26
N ASN B 34 18.88 25.31 3.74
CA ASN B 34 19.73 25.86 2.72
C ASN B 34 21.18 25.93 3.26
N ARG B 35 21.36 26.34 4.51
CA ARG B 35 22.67 26.50 5.11
C ARG B 35 23.39 25.14 5.24
N VAL B 36 22.68 24.12 5.70
CA VAL B 36 23.24 22.81 5.79
C VAL B 36 23.74 22.37 4.41
N LEU B 37 22.93 22.59 3.37
CA LEU B 37 23.28 22.16 2.02
C LEU B 37 24.52 22.89 1.51
N GLU B 38 24.63 24.17 1.79
CA GLU B 38 25.83 24.91 1.42
C GLU B 38 27.06 24.31 2.11
N GLN B 39 26.99 24.18 3.44
CA GLN B 39 28.11 23.66 4.27
C GLN B 39 28.59 22.29 3.83
N CYS B 40 27.69 21.48 3.30
CA CYS B 40 28.03 20.17 2.77
C CYS B 40 28.51 20.18 1.32
N ASP B 41 28.68 21.36 0.72
CA ASP B 41 29.21 21.53 -0.62
C ASP B 41 28.29 21.03 -1.73
N TYR B 42 26.99 21.14 -1.54
CA TYR B 42 26.07 20.87 -2.64
C TYR B 42 26.14 22.13 -3.49
N SER B 43 26.12 21.94 -4.80
CA SER B 43 26.14 23.04 -5.74
C SER B 43 24.81 23.84 -5.63
N VAL B 44 24.82 25.04 -6.17
CA VAL B 44 23.64 25.92 -6.21
C VAL B 44 22.44 25.20 -6.84
N HIS B 45 22.68 24.49 -7.95
CA HIS B 45 21.63 23.83 -8.68
C HIS B 45 20.95 22.74 -7.82
N LEU B 46 21.73 22.03 -7.00
CA LEU B 46 21.16 20.99 -6.13
C LEU B 46 20.50 21.63 -4.92
N GLN B 47 20.99 22.79 -4.46
CA GLN B 47 20.32 23.52 -3.38
C GLN B 47 18.89 23.90 -3.85
N TYR B 48 18.78 24.41 -5.06
CA TYR B 48 17.49 24.67 -5.66
C TYR B 48 16.69 23.40 -5.88
N LYS B 49 17.35 22.35 -6.35
CA LYS B 49 16.63 21.07 -6.54
C LYS B 49 15.94 20.65 -5.24
N TYR B 50 16.70 20.66 -4.17
CA TYR B 50 16.20 20.09 -2.94
C TYR B 50 15.24 21.02 -2.20
N LEU B 51 15.49 22.31 -2.22
CA LEU B 51 14.59 23.25 -1.56
C LEU B 51 13.24 23.34 -2.30
N ALA B 52 13.27 23.30 -3.62
CA ALA B 52 12.02 23.29 -4.43
C ALA B 52 11.21 22.03 -4.11
N PHE B 53 11.91 20.91 -4.07
CA PHE B 53 11.34 19.68 -3.67
C PHE B 53 10.69 19.75 -2.29
N TYR B 54 11.42 20.27 -1.34
CA TYR B 54 10.92 20.41 0.01
C TYR B 54 9.67 21.30 0.05
N HIS B 55 9.69 22.40 -0.72
CA HIS B 55 8.53 23.27 -0.82
C HIS B 55 7.26 22.56 -1.37
N LYS B 56 7.40 21.87 -2.44
CA LYS B 56 6.26 21.28 -3.07
C LYS B 56 5.75 20.03 -2.38
N TYR B 57 6.67 19.17 -1.93
CA TYR B 57 6.31 17.87 -1.45
C TYR B 57 6.31 17.69 0.03
N ILE B 58 7.17 18.38 0.74
CA ILE B 58 7.30 18.13 2.15
C ILE B 58 6.47 19.07 3.03
N LEU B 59 6.48 20.36 2.71
CA LEU B 59 5.65 21.31 3.41
C LEU B 59 4.20 20.83 3.63
N PRO B 60 3.48 20.39 2.59
CA PRO B 60 2.09 20.00 2.89
C PRO B 60 1.96 18.71 3.71
N SER B 61 3.01 17.88 3.78
CA SER B 61 3.03 16.67 4.60
C SER B 61 3.29 16.95 6.03
N LEU B 62 3.83 18.12 6.33
CA LEU B 62 4.25 18.37 7.70
C LEU B 62 3.09 18.61 8.69
N GLY B 63 1.90 18.93 8.21
CA GLY B 63 0.80 19.21 9.07
C GLY B 63 0.84 20.63 9.63
N PRO B 64 0.01 20.92 10.62
CA PRO B 64 0.01 22.23 11.26
C PRO B 64 1.37 22.55 11.94
N PHE B 65 1.77 23.82 11.99
CA PHE B 65 3.03 24.19 12.68
C PHE B 65 2.95 24.06 14.21
N HIS B 80 -0.02 16.39 15.52
CA HIS B 80 -0.98 15.59 16.25
C HIS B 80 -0.21 14.73 17.26
N GLY B 81 1.05 15.02 17.44
CA GLY B 81 1.89 14.18 18.20
C GLY B 81 2.68 13.48 17.16
N GLY B 82 3.86 13.97 16.91
CA GLY B 82 4.78 13.28 16.09
C GLY B 82 6.14 13.68 16.49
N HIS B 83 7.10 12.96 15.98
CA HIS B 83 8.51 13.35 16.17
C HIS B 83 8.82 14.62 15.37
N PRO B 84 9.75 15.45 15.87
CA PRO B 84 9.94 16.76 15.18
C PRO B 84 10.70 16.62 13.82
N LEU B 85 10.46 17.52 12.90
CA LEU B 85 11.15 17.51 11.65
C LEU B 85 12.65 17.57 11.96
N GLU B 86 13.38 16.61 11.42
CA GLU B 86 14.77 16.41 11.76
C GLU B 86 15.61 16.57 10.50
N ILE B 87 16.66 17.35 10.58
CA ILE B 87 17.65 17.37 9.54
C ILE B 87 18.82 16.67 10.17
N SER B 88 19.41 15.75 9.45
CA SER B 88 20.55 15.05 9.94
C SER B 88 21.71 15.17 8.95
N VAL B 89 22.92 15.04 9.48
CA VAL B 89 24.10 15.01 8.64
C VAL B 89 24.83 13.70 8.84
N LYS B 90 25.26 13.08 7.75
CA LYS B 90 26.11 11.88 7.78
C LYS B 90 27.51 12.33 7.36
N ILE B 91 28.43 12.28 8.32
CA ILE B 91 29.77 12.79 8.17
C ILE B 91 30.75 11.64 8.14
N ASP B 92 31.51 11.50 7.05
CA ASP B 92 32.78 10.67 7.08
C ASP B 92 33.93 11.59 6.66
N LYS B 93 35.16 11.12 6.53
CA LYS B 93 36.28 12.07 6.28
C LYS B 93 36.17 12.72 4.86
N SER B 94 35.68 11.95 3.88
CA SER B 94 35.46 12.45 2.52
C SER B 94 34.40 13.58 2.41
N LYS B 95 33.23 13.37 3.02
CA LYS B 95 32.03 14.17 2.74
C LYS B 95 30.95 14.13 3.82
N THR B 96 30.04 15.08 3.70
CA THR B 96 28.87 15.17 4.52
C THR B 96 27.60 15.13 3.65
N ILE B 97 26.71 14.18 3.99
CA ILE B 97 25.45 13.98 3.28
C ILE B 97 24.33 14.43 4.23
N CYS B 98 23.40 15.19 3.67
CA CYS B 98 22.27 15.70 4.37
C CYS B 98 21.04 14.78 4.16
N ARG B 99 20.19 14.68 5.18
CA ARG B 99 18.98 13.85 5.15
C ARG B 99 17.85 14.54 5.91
N LEU B 100 16.61 14.31 5.47
CA LEU B 100 15.43 14.83 6.17
C LEU B 100 14.65 13.70 6.73
N GLY B 101 14.20 13.82 7.97
CA GLY B 101 13.40 12.83 8.65
C GLY B 101 12.12 13.49 9.11
N LEU B 102 10.98 12.87 8.78
CA LEU B 102 9.70 13.44 9.12
C LEU B 102 8.65 12.40 9.41
N GLN B 103 7.66 12.85 10.17
CA GLN B 103 6.38 12.17 10.36
C GLN B 103 5.44 12.92 9.44
N ALA B 104 5.08 12.32 8.31
CA ALA B 104 4.03 12.91 7.49
C ALA B 104 2.75 12.88 8.32
N ILE B 105 1.92 13.92 8.20
CA ILE B 105 0.69 14.08 8.96
C ILE B 105 -0.51 14.18 7.99
N GLY B 106 -1.42 13.21 8.03
CA GLY B 106 -2.63 13.28 7.21
C GLY B 106 -3.57 14.35 7.74
N PRO B 107 -4.42 14.91 6.86
CA PRO B 107 -5.33 15.97 7.26
C PRO B 107 -6.41 15.58 8.29
N LEU B 108 -6.64 14.29 8.49
CA LEU B 108 -7.52 13.83 9.59
C LEU B 108 -6.77 13.07 10.70
N ALA B 109 -5.45 13.22 10.73
CA ALA B 109 -4.63 12.55 11.74
C ALA B 109 -5.09 12.80 13.18
N GLY B 110 -5.18 11.75 13.96
CA GLY B 110 -5.57 11.84 15.38
C GLY B 110 -7.07 11.91 15.63
N THR B 111 -7.91 11.97 14.58
CA THR B 111 -9.35 11.96 14.77
C THR B 111 -9.85 10.56 14.57
N ALA B 112 -11.13 10.36 14.86
CA ALA B 112 -11.75 9.05 14.77
C ALA B 112 -11.54 8.38 13.40
N ARG B 113 -11.48 9.20 12.36
CA ARG B 113 -11.30 8.70 11.00
C ARG B 113 -9.90 8.24 10.70
N ASP B 114 -8.91 8.59 11.53
CA ASP B 114 -7.49 8.20 11.28
C ASP B 114 -6.64 8.27 12.56
N PRO B 115 -6.89 7.35 13.52
CA PRO B 115 -6.36 7.61 14.86
C PRO B 115 -4.86 7.45 14.95
N LEU B 116 -4.31 6.62 14.08
CA LEU B 116 -2.87 6.39 14.07
C LEU B 116 -2.13 7.03 12.90
N ASN B 117 -2.76 8.02 12.26
CA ASN B 117 -2.13 8.75 11.18
C ASN B 117 -1.56 7.80 10.12
N SER B 118 -2.42 6.94 9.58
CA SER B 118 -1.96 5.81 8.75
C SER B 118 -1.87 6.09 7.29
N PHE B 119 -2.14 7.30 6.86
CA PHE B 119 -2.34 7.61 5.45
C PHE B 119 -1.35 8.65 4.91
N GLY B 120 -0.87 9.54 5.76
CA GLY B 120 -0.03 10.66 5.33
C GLY B 120 1.22 10.19 4.59
N ASP B 121 1.91 9.19 5.12
CA ASP B 121 3.21 8.77 4.61
C ASP B 121 3.08 8.06 3.25
N ARG B 122 1.99 7.32 3.06
CA ARG B 122 1.69 6.69 1.77
C ARG B 122 1.32 7.75 0.70
N GLU B 123 0.56 8.76 1.11
CA GLU B 123 0.21 9.90 0.22
C GLU B 123 1.54 10.52 -0.26
N LEU B 124 2.45 10.80 0.67
CA LEU B 124 3.74 11.31 0.30
C LEU B 124 4.48 10.40 -0.69
N LEU B 125 4.55 9.13 -0.39
CA LEU B 125 5.27 8.20 -1.24
C LEU B 125 4.63 7.97 -2.60
N LYS B 126 3.31 8.05 -2.68
CA LYS B 126 2.65 7.95 -3.95
C LYS B 126 3.08 9.11 -4.86
N ASN B 127 3.04 10.30 -4.31
CA ASN B 127 3.53 11.50 -4.98
C ASN B 127 4.99 11.35 -5.37
N LEU B 128 5.83 10.79 -4.51
CA LEU B 128 7.24 10.57 -4.89
C LEU B 128 7.45 9.56 -6.01
N ALA B 129 6.52 8.63 -6.16
CA ALA B 129 6.66 7.55 -7.16
C ALA B 129 6.42 8.03 -8.55
N THR B 130 5.62 9.07 -8.70
CA THR B 130 5.47 9.69 -10.01
C THR B 130 6.52 10.81 -10.28
N LEU B 131 7.18 11.31 -9.22
CA LEU B 131 8.25 12.29 -9.35
C LEU B 131 9.59 11.67 -9.68
N LEU B 132 9.94 10.64 -8.92
CA LEU B 132 11.26 9.99 -8.94
C LEU B 132 11.26 8.66 -9.72
N PRO B 133 12.18 8.52 -10.69
CA PRO B 133 12.18 7.30 -11.51
C PRO B 133 12.58 6.01 -10.76
N HIS B 134 13.33 6.11 -9.65
CA HIS B 134 13.84 4.92 -8.96
C HIS B 134 13.16 4.61 -7.62
N VAL B 135 12.03 5.23 -7.33
CA VAL B 135 11.26 4.89 -6.13
C VAL B 135 10.29 3.71 -6.35
N ASP B 136 10.36 2.77 -5.41
CA ASP B 136 9.66 1.48 -5.45
C ASP B 136 8.88 1.35 -4.13
N LEU B 137 7.58 1.07 -4.25
CA LEU B 137 6.67 1.01 -3.13
C LEU B 137 6.40 -0.41 -2.61
N ARG B 138 7.02 -1.41 -3.20
CA ARG B 138 6.66 -2.79 -2.89
C ARG B 138 6.99 -3.16 -1.49
N LEU B 139 8.15 -2.72 -1.00
CA LEU B 139 8.46 -2.97 0.38
C LEU B 139 7.59 -2.15 1.32
N PHE B 140 7.26 -0.92 0.95
CA PHE B 140 6.34 -0.16 1.75
C PHE B 140 5.02 -0.90 1.89
N ASP B 141 4.49 -1.35 0.76
CA ASP B 141 3.20 -2.01 0.76
C ASP B 141 3.26 -3.31 1.51
N HIS B 142 4.34 -4.08 1.30
CA HIS B 142 4.51 -5.34 2.05
C HIS B 142 4.40 -5.06 3.57
N PHE B 143 5.21 -4.14 4.11
CA PHE B 143 5.21 -3.92 5.56
C PHE B 143 3.94 -3.26 6.06
N ASN B 144 3.34 -2.42 5.24
CA ASN B 144 2.01 -1.88 5.56
C ASN B 144 0.96 -3.01 5.72
N ALA B 145 0.96 -3.99 4.82
CA ALA B 145 0.07 -5.14 4.97
C ALA B 145 0.35 -5.91 6.25
N GLN B 146 1.61 -6.03 6.64
CA GLN B 146 1.99 -6.93 7.77
C GLN B 146 1.84 -6.29 9.16
N VAL B 147 2.09 -4.98 9.28
CA VAL B 147 2.01 -4.32 10.60
C VAL B 147 0.98 -3.23 10.68
N GLY B 148 0.36 -2.90 9.56
CA GLY B 148 -0.75 -1.93 9.61
C GLY B 148 -2.01 -2.46 10.30
N LEU B 149 -2.89 -1.55 10.69
CA LEU B 149 -4.13 -1.88 11.42
C LEU B 149 -5.34 -1.22 10.80
N ASP B 150 -6.52 -1.83 10.95
CA ASP B 150 -7.78 -1.16 10.53
C ASP B 150 -8.19 -0.06 11.53
N ARG B 151 -9.20 0.70 11.19
CA ARG B 151 -9.66 1.78 12.04
C ARG B 151 -9.92 1.35 13.50
N ALA B 152 -10.78 0.37 13.73
CA ALA B 152 -11.14 -0.04 15.09
C ALA B 152 -9.92 -0.47 15.88
N GLN B 153 -8.96 -1.16 15.24
CA GLN B 153 -7.71 -1.50 15.89
C GLN B 153 -6.84 -0.30 16.15
N CYS B 154 -6.81 0.69 15.23
CA CYS B 154 -6.10 1.95 15.53
C CYS B 154 -6.66 2.67 16.76
N ALA B 155 -8.00 2.67 16.93
CA ALA B 155 -8.64 3.32 18.10
C ALA B 155 -8.24 2.58 19.38
N VAL B 156 -8.25 1.26 19.37
CA VAL B 156 -7.79 0.52 20.55
C VAL B 156 -6.33 0.92 20.87
N ALA B 157 -5.47 0.95 19.86
CA ALA B 157 -4.06 1.28 20.10
C ALA B 157 -3.81 2.67 20.69
N THR B 158 -4.65 3.64 20.34
CA THR B 158 -4.56 4.98 20.95
C THR B 158 -4.83 4.98 22.45
N THR B 159 -5.74 4.12 22.91
CA THR B 159 -6.01 3.97 24.36
C THR B 159 -4.77 3.45 25.09
N LYS B 160 -4.05 2.53 24.47
CA LYS B 160 -2.90 1.87 25.08
C LYS B 160 -1.54 2.54 24.81
N LEU B 161 -1.50 3.72 24.17
CA LEU B 161 -0.22 4.36 23.73
C LEU B 161 -0.06 5.79 24.24
N ILE B 162 1.17 6.18 24.59
CA ILE B 162 1.52 7.60 24.85
C ILE B 162 1.12 8.51 23.68
N LYS B 163 0.66 9.72 23.98
CA LYS B 163 -0.16 10.49 23.00
C LYS B 163 0.65 11.12 21.82
N GLU B 164 1.98 10.96 21.84
CA GLU B 164 2.85 11.30 20.68
C GLU B 164 3.44 10.07 19.95
N SER B 165 3.14 8.86 20.42
CA SER B 165 3.46 7.64 19.69
C SER B 165 2.25 7.20 18.88
N HIS B 166 1.28 8.08 18.62
CA HIS B 166 0.07 7.68 17.85
C HIS B 166 0.39 7.67 16.35
N ASN B 167 1.36 6.83 15.98
CA ASN B 167 1.94 6.80 14.66
C ASN B 167 2.39 5.37 14.39
N ILE B 168 2.29 4.95 13.14
CA ILE B 168 2.74 3.67 12.69
C ILE B 168 3.94 3.75 11.78
N VAL B 169 3.99 4.77 10.91
CA VAL B 169 5.12 4.83 9.98
C VAL B 169 5.69 6.23 9.92
N CYS B 170 6.97 6.32 9.62
CA CYS B 170 7.56 7.60 9.29
C CYS B 170 8.58 7.47 8.19
N THR B 171 9.14 8.58 7.75
CA THR B 171 9.82 8.63 6.47
C THR B 171 11.06 9.46 6.56
N SER B 172 12.07 9.07 5.82
CA SER B 172 13.29 9.85 5.66
C SER B 172 13.64 9.98 4.19
N LEU B 173 14.32 11.05 3.89
CA LEU B 173 14.71 11.37 2.54
C LEU B 173 16.19 11.67 2.56
N ASP B 174 16.96 10.81 1.93
CA ASP B 174 18.38 10.95 1.86
C ASP B 174 18.67 11.81 0.63
N LEU B 175 19.48 12.83 0.81
CA LEU B 175 19.71 13.77 -0.26
C LEU B 175 21.13 13.57 -0.75
N LYS B 176 21.27 12.56 -1.58
CA LYS B 176 22.55 11.92 -1.91
C LYS B 176 22.71 11.83 -3.42
N ASP B 177 23.86 12.29 -3.93
CA ASP B 177 24.22 12.16 -5.35
C ASP B 177 23.26 12.90 -6.30
N GLY B 178 22.76 14.05 -5.87
CA GLY B 178 21.71 14.75 -6.63
C GLY B 178 20.34 14.04 -6.74
N GLU B 179 20.11 13.00 -5.94
CA GLU B 179 18.84 12.33 -5.94
C GLU B 179 18.16 12.42 -4.55
N VAL B 180 16.92 11.97 -4.50
CA VAL B 180 16.16 11.88 -3.24
C VAL B 180 15.88 10.39 -3.02
N ILE B 181 16.34 9.80 -1.91
CA ILE B 181 16.24 8.36 -1.65
C ILE B 181 15.35 8.18 -0.43
N PRO B 182 14.14 7.70 -0.61
CA PRO B 182 13.28 7.57 0.52
C PRO B 182 13.48 6.28 1.29
N LYS B 183 13.22 6.33 2.57
CA LYS B 183 13.40 5.22 3.49
C LYS B 183 12.11 5.31 4.35
N VAL B 184 11.58 4.19 4.80
CA VAL B 184 10.44 4.19 5.74
C VAL B 184 10.68 3.31 6.95
N TYR B 185 10.05 3.67 8.06
CA TYR B 185 10.18 2.99 9.33
C TYR B 185 8.76 2.61 9.81
N PHE B 186 8.57 1.34 10.12
CA PHE B 186 7.29 0.83 10.57
C PHE B 186 7.43 0.47 11.99
N SER B 187 6.57 0.99 12.83
CA SER B 187 6.54 0.63 14.23
C SER B 187 5.67 -0.62 14.41
N THR B 188 6.20 -1.53 15.23
CA THR B 188 5.63 -2.81 15.56
C THR B 188 4.75 -2.75 16.81
N ILE B 189 4.91 -1.71 17.63
CA ILE B 189 4.28 -1.68 18.93
C ILE B 189 2.77 -1.67 18.80
N PRO B 190 2.22 -0.83 17.93
CA PRO B 190 0.75 -0.80 17.89
C PRO B 190 0.07 -2.12 17.58
N LYS B 191 0.57 -2.85 16.60
CA LYS B 191 0.03 -4.18 16.29
C LYS B 191 0.27 -5.15 17.45
N GLY B 192 1.40 -4.99 18.14
CA GLY B 192 1.76 -5.76 19.34
C GLY B 192 0.75 -5.61 20.47
N LEU B 193 0.41 -4.37 20.77
CA LEU B 193 -0.58 -4.01 21.83
C LEU B 193 -1.98 -4.48 21.53
N VAL B 194 -2.39 -4.28 20.29
CA VAL B 194 -3.73 -4.60 19.87
C VAL B 194 -3.92 -6.12 19.72
N THR B 195 -2.94 -6.81 19.12
CA THR B 195 -3.03 -8.27 18.92
C THR B 195 -2.52 -9.11 20.10
N GLU B 196 -1.85 -8.49 21.08
CA GLU B 196 -1.21 -9.21 22.21
C GLU B 196 -0.32 -10.34 21.71
N THR B 197 0.48 -10.02 20.70
CA THR B 197 1.45 -10.92 20.06
C THR B 197 2.82 -10.39 20.46
N PRO B 198 3.82 -11.27 20.66
CA PRO B 198 5.14 -10.78 20.99
C PRO B 198 5.73 -9.98 19.83
N LEU B 199 6.43 -8.92 20.16
CA LEU B 199 7.03 -8.02 19.17
C LEU B 199 8.05 -8.73 18.30
N PHE B 200 8.83 -9.60 18.93
CA PHE B 200 9.83 -10.39 18.25
C PHE B 200 9.18 -11.24 17.16
N ASP B 201 8.09 -11.91 17.51
CA ASP B 201 7.37 -12.78 16.58
C ASP B 201 6.80 -12.00 15.42
N LEU B 202 6.14 -10.88 15.69
CA LEU B 202 5.49 -10.14 14.59
C LEU B 202 6.53 -9.47 13.74
N THR B 203 7.65 -9.07 14.28
CA THR B 203 8.76 -8.51 13.47
C THR B 203 9.32 -9.53 12.48
N PHE B 204 9.76 -10.68 12.97
CA PHE B 204 10.35 -11.71 12.11
C PHE B 204 9.34 -12.36 11.21
N ALA B 205 8.11 -12.56 11.69
CA ALA B 205 7.03 -13.06 10.81
C ALA B 205 6.84 -12.13 9.60
N ALA B 206 6.79 -10.81 9.84
CA ALA B 206 6.63 -9.87 8.74
C ALA B 206 7.81 -9.93 7.78
N ILE B 207 9.01 -10.03 8.32
CA ILE B 207 10.20 -10.18 7.48
C ILE B 207 10.25 -11.51 6.71
N GLU B 208 9.90 -12.59 7.38
CA GLU B 208 9.95 -13.93 6.79
C GLU B 208 8.91 -14.15 5.69
N GLN B 209 7.89 -13.29 5.67
CA GLN B 209 6.92 -13.25 4.57
C GLN B 209 7.32 -12.41 3.32
N MET B 210 8.42 -11.65 3.35
CA MET B 210 8.87 -10.91 2.14
C MET B 210 9.14 -11.81 0.94
N GLU B 211 8.83 -11.30 -0.27
CA GLU B 211 9.20 -12.00 -1.50
C GLU B 211 10.70 -12.31 -1.52
N VAL B 212 11.53 -11.29 -1.28
CA VAL B 212 13.01 -11.46 -1.30
C VAL B 212 13.55 -12.48 -0.30
N TYR B 213 12.88 -12.65 0.83
CA TYR B 213 13.28 -13.66 1.80
C TYR B 213 13.14 -15.08 1.23
N HIS B 214 12.01 -15.34 0.58
CA HIS B 214 11.72 -16.65 0.01
C HIS B 214 12.71 -17.07 -1.09
N LYS B 215 13.37 -16.12 -1.74
CA LYS B 215 14.28 -16.43 -2.86
C LYS B 215 15.77 -16.16 -2.60
N ASP B 216 16.15 -15.78 -1.39
CA ASP B 216 17.54 -15.35 -1.13
C ASP B 216 18.08 -16.03 0.13
N ALA B 217 18.88 -17.07 -0.07
CA ALA B 217 19.45 -17.85 1.03
C ALA B 217 20.34 -17.04 2.01
N PRO B 218 21.20 -16.15 1.47
CA PRO B 218 22.05 -15.34 2.37
C PRO B 218 21.29 -14.46 3.37
N LEU B 219 20.26 -13.75 2.90
CA LEU B 219 19.40 -12.97 3.79
C LEU B 219 18.80 -13.86 4.89
N ARG B 220 18.34 -15.06 4.52
CA ARG B 220 17.71 -16.03 5.47
C ARG B 220 18.67 -16.53 6.55
N THR B 221 19.95 -16.71 6.15
CA THR B 221 21.03 -17.00 7.08
C THR B 221 21.33 -15.84 8.01
N ALA B 222 21.53 -14.64 7.45
CA ALA B 222 21.79 -13.43 8.23
C ALA B 222 20.71 -13.23 9.27
N LEU B 223 19.48 -13.39 8.84
CA LEU B 223 18.35 -13.20 9.73
C LEU B 223 18.31 -14.23 10.83
N SER B 224 18.51 -15.50 10.48
CA SER B 224 18.54 -16.59 11.48
C SER B 224 19.61 -16.33 12.57
N SER B 225 20.79 -15.85 12.19
CA SER B 225 21.81 -15.39 13.19
C SER B 225 21.33 -14.23 14.02
N LEU B 226 20.59 -13.29 13.41
CA LEU B 226 20.07 -12.16 14.17
C LEU B 226 19.04 -12.63 15.16
N LYS B 227 18.11 -13.46 14.70
CA LYS B 227 17.13 -14.09 15.57
C LYS B 227 17.79 -14.78 16.78
N ASP B 228 18.83 -15.57 16.52
CA ASP B 228 19.50 -16.32 17.61
C ASP B 228 20.10 -15.38 18.63
N PHE B 229 20.66 -14.26 18.15
CA PHE B 229 21.16 -13.23 19.10
C PHE B 229 20.02 -12.53 19.85
N LEU B 230 18.94 -12.20 19.15
CA LEU B 230 17.85 -11.43 19.79
C LEU B 230 16.91 -12.24 20.71
N ARG B 231 16.65 -13.50 20.35
CA ARG B 231 15.73 -14.37 21.12
C ARG B 231 15.88 -14.27 22.63
N PRO B 232 17.10 -14.46 23.17
CA PRO B 232 17.24 -14.42 24.63
C PRO B 232 17.33 -13.02 25.28
N ARG B 233 17.50 -11.98 24.46
CA ARG B 233 17.65 -10.62 24.97
C ARG B 233 16.33 -9.85 25.00
N VAL B 234 15.42 -10.15 24.07
CA VAL B 234 14.12 -9.44 23.99
C VAL B 234 13.03 -10.32 24.57
N PRO B 235 11.84 -9.76 24.81
CA PRO B 235 10.76 -10.60 25.38
C PRO B 235 10.27 -11.75 24.50
N THR B 236 9.98 -12.87 25.14
CA THR B 236 9.30 -14.01 24.51
C THR B 236 7.76 -13.85 24.62
N ASP B 237 7.32 -13.09 25.62
CA ASP B 237 5.90 -12.77 25.84
C ASP B 237 5.45 -11.50 25.03
N ALA B 238 4.24 -11.03 25.27
CA ALA B 238 3.65 -9.86 24.58
C ALA B 238 4.00 -8.50 25.23
N SER B 239 4.89 -8.49 26.23
CA SER B 239 5.20 -7.26 26.95
C SER B 239 6.07 -6.29 26.11
N ILE B 240 6.01 -5.02 26.55
CA ILE B 240 6.75 -3.91 25.98
C ILE B 240 7.83 -3.56 27.04
N THR B 241 8.71 -4.56 27.29
CA THR B 241 9.87 -4.53 28.26
C THR B 241 11.17 -4.46 27.43
N PRO B 242 11.95 -3.35 27.54
CA PRO B 242 13.18 -3.20 26.76
C PRO B 242 14.28 -4.18 27.20
N PRO B 243 15.25 -4.49 26.33
CA PRO B 243 15.29 -4.05 24.93
C PRO B 243 14.21 -4.75 24.07
N LEU B 244 13.72 -4.06 23.03
CA LEU B 244 12.70 -4.65 22.15
C LEU B 244 12.86 -4.26 20.68
N THR B 245 12.37 -5.14 19.81
CA THR B 245 12.33 -4.86 18.40
C THR B 245 11.13 -3.92 18.11
N GLY B 246 11.41 -2.62 18.08
CA GLY B 246 10.36 -1.58 17.93
C GLY B 246 10.11 -0.99 16.56
N LEU B 247 11.03 -1.21 15.63
CA LEU B 247 10.99 -0.61 14.31
C LEU B 247 11.61 -1.50 13.27
N ILE B 248 10.98 -1.50 12.12
CA ILE B 248 11.52 -2.06 10.92
C ILE B 248 11.74 -0.94 9.91
N GLY B 249 12.96 -0.86 9.37
CA GLY B 249 13.32 0.08 8.31
C GLY B 249 13.61 -0.54 6.97
N VAL B 250 13.08 0.07 5.90
CA VAL B 250 13.41 -0.37 4.53
C VAL B 250 13.74 0.82 3.65
N ASP B 251 14.51 0.58 2.59
CA ASP B 251 14.70 1.55 1.47
C ASP B 251 13.59 1.34 0.43
N CYS B 252 13.09 2.42 -0.15
CA CYS B 252 12.00 2.34 -1.13
C CYS B 252 12.55 2.21 -2.49
N ILE B 253 13.23 1.09 -2.70
CA ILE B 253 13.90 0.77 -3.98
C ILE B 253 13.61 -0.72 -4.25
N ASP B 254 14.08 -1.24 -5.38
CA ASP B 254 13.98 -2.69 -5.71
C ASP B 254 14.21 -3.54 -4.45
N PRO B 255 13.26 -4.44 -4.10
CA PRO B 255 13.45 -5.25 -2.91
C PRO B 255 14.82 -5.95 -2.78
N MET B 256 15.36 -6.38 -3.91
CA MET B 256 16.64 -7.07 -3.96
C MET B 256 17.85 -6.17 -3.64
N LEU B 257 17.74 -4.86 -3.81
CA LEU B 257 18.81 -3.93 -3.42
C LEU B 257 18.61 -3.34 -2.02
N SER B 258 17.44 -3.53 -1.43
CA SER B 258 17.06 -2.73 -0.29
C SER B 258 17.64 -3.27 0.99
N ARG B 259 18.23 -2.38 1.79
CA ARG B 259 18.67 -2.75 3.12
C ARG B 259 17.44 -2.91 4.00
N LEU B 260 17.40 -3.99 4.74
CA LEU B 260 16.38 -4.20 5.72
C LEU B 260 17.01 -3.97 7.10
N LYS B 261 16.34 -3.18 7.95
CA LYS B 261 16.89 -2.77 9.25
C LYS B 261 15.99 -3.13 10.41
N VAL B 262 16.55 -3.78 11.43
CA VAL B 262 15.78 -4.07 12.62
C VAL B 262 16.34 -3.23 13.73
N TYR B 263 15.49 -2.45 14.38
CA TYR B 263 15.93 -1.50 15.41
C TYR B 263 15.54 -2.01 16.77
N LEU B 264 16.46 -1.97 17.71
CA LEU B 264 16.14 -2.21 19.10
C LEU B 264 16.00 -0.89 19.83
N ALA B 265 15.03 -0.78 20.71
CA ALA B 265 14.95 0.37 21.61
C ALA B 265 15.21 -0.13 23.01
N THR B 266 16.00 0.62 23.76
CA THR B 266 16.27 0.22 25.11
C THR B 266 16.65 1.43 25.91
N PHE B 267 16.42 1.34 27.22
CA PHE B 267 16.75 2.41 28.16
C PHE B 267 18.09 2.24 28.89
N ARG B 268 18.64 1.01 28.88
CA ARG B 268 19.89 0.67 29.56
C ARG B 268 21.04 0.52 28.57
N MET B 269 22.12 1.24 28.84
CA MET B 269 23.33 1.15 28.05
C MET B 269 24.49 1.43 29.00
N ASP B 270 25.37 0.44 29.15
CA ASP B 270 26.66 0.62 29.81
C ASP B 270 27.66 -0.06 28.88
N LEU B 271 28.94 -0.02 29.24
CA LEU B 271 30.02 -0.48 28.33
C LEU B 271 29.84 -1.93 27.99
N SER B 272 29.35 -2.69 28.93
CA SER B 272 29.08 -4.10 28.73
C SER B 272 27.94 -4.38 27.69
N LEU B 273 26.84 -3.65 27.78
CA LEU B 273 25.76 -3.82 26.77
C LEU B 273 26.21 -3.29 25.38
N ILE B 274 27.03 -2.25 25.34
CA ILE B 274 27.62 -1.75 24.09
C ILE B 274 28.38 -2.88 23.40
N ARG B 275 29.28 -3.53 24.15
CA ARG B 275 30.05 -4.68 23.63
C ARG B 275 29.14 -5.79 23.19
N ASP B 276 28.16 -6.10 24.01
CA ASP B 276 27.21 -7.13 23.64
C ASP B 276 26.48 -6.76 22.30
N TYR B 277 25.89 -5.56 22.20
CA TYR B 277 25.17 -5.15 20.96
C TYR B 277 26.11 -5.02 19.76
N TRP B 278 27.25 -4.37 19.99
CA TRP B 278 28.17 -4.13 18.88
C TRP B 278 28.70 -5.40 18.24
N THR B 279 29.06 -6.40 19.05
CA THR B 279 29.67 -7.63 18.52
C THR B 279 28.71 -8.80 18.32
N LEU B 280 27.43 -8.58 18.64
CA LEU B 280 26.43 -9.63 18.65
C LEU B 280 26.77 -10.74 19.66
N GLY B 281 27.11 -10.30 20.88
CA GLY B 281 27.47 -11.17 21.99
C GLY B 281 28.67 -12.06 21.72
N GLY B 282 29.73 -11.47 21.19
CA GLY B 282 30.94 -12.21 20.86
C GLY B 282 31.02 -12.89 19.51
N LEU B 283 29.95 -12.88 18.72
CA LEU B 283 29.98 -13.46 17.34
C LEU B 283 31.01 -12.79 16.42
N LEU B 284 31.12 -11.45 16.49
CA LEU B 284 32.00 -10.69 15.63
C LEU B 284 33.22 -10.34 16.41
N THR B 285 34.38 -10.74 15.90
CA THR B 285 35.62 -10.61 16.66
C THR B 285 36.80 -10.01 15.90
N ASP B 286 36.59 -9.66 14.64
CA ASP B 286 37.65 -9.12 13.76
C ASP B 286 38.08 -7.69 14.16
N ALA B 287 39.20 -7.26 13.60
CA ALA B 287 39.80 -6.00 13.96
C ALA B 287 38.92 -4.84 13.51
N GLY B 288 38.17 -5.01 12.42
CA GLY B 288 37.20 -3.99 11.96
C GLY B 288 36.18 -3.67 13.04
N THR B 289 35.46 -4.70 13.48
CA THR B 289 34.56 -4.64 14.61
C THR B 289 35.17 -4.04 15.90
N MET B 290 36.39 -4.44 16.25
CA MET B 290 37.04 -3.92 17.47
C MET B 290 37.51 -2.49 17.35
N LYS B 291 37.90 -2.05 16.17
CA LYS B 291 38.25 -0.62 15.99
C LYS B 291 36.99 0.26 16.09
N GLY B 292 35.90 -0.17 15.49
CA GLY B 292 34.62 0.48 15.68
C GLY B 292 34.16 0.45 17.12
N LEU B 293 34.38 -0.67 17.81
CA LEU B 293 34.00 -0.75 19.20
C LEU B 293 34.76 0.27 20.04
N GLU B 294 36.04 0.41 19.79
CA GLU B 294 36.87 1.33 20.58
C GLU B 294 36.35 2.73 20.37
N MET B 295 36.03 3.04 19.12
CA MET B 295 35.45 4.34 18.74
C MET B 295 34.12 4.60 19.43
N VAL B 296 33.23 3.61 19.47
CA VAL B 296 31.94 3.79 20.17
C VAL B 296 32.14 3.98 21.68
N GLU B 297 33.03 3.20 22.28
CA GLU B 297 33.33 3.29 23.74
C GLU B 297 33.89 4.65 24.09
N THR B 298 34.79 5.16 23.24
CA THR B 298 35.35 6.48 23.39
C THR B 298 34.31 7.61 23.30
N LEU B 299 33.44 7.52 22.32
CA LEU B 299 32.34 8.47 22.18
C LEU B 299 31.46 8.53 23.43
N ALA B 300 31.04 7.37 23.93
CA ALA B 300 30.26 7.26 25.17
C ALA B 300 30.96 7.94 26.37
N LYS B 301 32.25 7.66 26.54
CA LYS B 301 33.08 8.30 27.55
C LYS B 301 33.09 9.81 27.31
N THR B 302 33.32 10.24 26.07
CA THR B 302 33.39 11.67 25.75
C THR B 302 32.09 12.43 26.08
N LEU B 303 30.94 11.77 25.89
CA LEU B 303 29.64 12.35 26.25
C LEU B 303 29.26 12.10 27.70
N LYS B 304 29.94 11.21 28.37
CA LYS B 304 29.41 10.69 29.60
C LYS B 304 27.96 10.24 29.40
N LEU B 305 27.73 9.30 28.49
CA LEU B 305 26.39 8.82 28.12
C LEU B 305 26.49 7.45 27.46
N LEU B 318 14.42 9.84 26.12
CA LEU B 318 14.45 9.00 24.90
C LEU B 318 15.32 7.73 25.03
N PRO B 319 14.95 6.63 24.38
CA PRO B 319 15.74 5.40 24.46
C PRO B 319 16.99 5.45 23.63
N PHE B 320 17.90 4.52 23.88
CA PHE B 320 19.02 4.28 23.03
C PHE B 320 18.48 3.42 21.92
N GLY B 321 19.05 3.54 20.73
CA GLY B 321 18.67 2.70 19.62
C GLY B 321 19.83 1.86 19.16
N ILE B 322 19.55 0.62 18.74
CA ILE B 322 20.53 -0.20 18.02
C ILE B 322 19.90 -0.71 16.73
N ASN B 323 20.60 -0.54 15.62
CA ASN B 323 20.06 -0.75 14.28
C ASN B 323 20.88 -1.82 13.62
N TYR B 324 20.30 -3.00 13.40
CA TYR B 324 20.96 -4.10 12.67
C TYR B 324 20.50 -4.09 11.23
N ALA B 325 21.48 -4.01 10.33
CA ALA B 325 21.30 -3.83 8.91
C ALA B 325 21.62 -5.10 8.15
N MET B 326 20.69 -5.53 7.30
CA MET B 326 20.90 -6.64 6.38
C MET B 326 20.54 -6.29 4.97
N LYS B 327 21.19 -6.98 4.02
CA LYS B 327 21.01 -6.75 2.59
C LYS B 327 20.88 -8.11 1.91
N PRO B 328 20.00 -8.22 0.92
CA PRO B 328 20.08 -9.46 0.14
C PRO B 328 21.47 -9.66 -0.49
N GLY B 329 21.87 -10.94 -0.63
CA GLY B 329 23.19 -11.34 -1.10
C GLY B 329 24.28 -11.29 -0.04
N THR B 330 23.95 -10.99 1.21
CA THR B 330 24.95 -10.92 2.28
C THR B 330 24.50 -11.88 3.38
N ALA B 331 25.30 -12.92 3.66
CA ALA B 331 24.96 -13.92 4.70
C ALA B 331 25.46 -13.57 6.12
N GLU B 332 26.39 -12.61 6.21
CA GLU B 332 27.12 -12.28 7.44
C GLU B 332 26.55 -10.96 8.01
N LEU B 333 26.23 -10.98 9.31
CA LEU B 333 25.82 -9.78 10.01
C LEU B 333 27.05 -8.93 10.22
N ALA B 334 26.88 -7.62 10.07
CA ALA B 334 27.87 -6.61 10.42
C ALA B 334 27.45 -5.93 11.75
N PRO B 335 28.39 -5.18 12.40
CA PRO B 335 28.03 -4.50 13.64
C PRO B 335 26.87 -3.48 13.41
N PRO B 336 26.01 -3.26 14.42
CA PRO B 336 24.93 -2.33 14.23
C PRO B 336 25.43 -0.89 14.23
N GLN B 337 24.47 0.03 14.10
CA GLN B 337 24.69 1.45 14.43
C GLN B 337 23.99 1.67 15.75
N ILE B 338 24.61 2.49 16.60
CA ILE B 338 24.07 2.77 17.91
C ILE B 338 23.70 4.23 17.96
N TYR B 339 22.49 4.52 18.43
CA TYR B 339 21.97 5.90 18.52
C TYR B 339 21.87 6.36 19.98
N PHE B 340 22.62 7.42 20.28
CA PHE B 340 22.71 8.05 21.60
C PHE B 340 21.72 9.21 21.62
N PRO B 341 20.74 9.18 22.53
CA PRO B 341 19.85 10.30 22.69
C PRO B 341 20.52 11.47 23.42
N LEU B 342 20.28 12.68 22.92
CA LEU B 342 20.92 13.89 23.35
C LEU B 342 19.95 14.95 23.90
N LEU B 343 18.66 14.63 23.95
CA LEU B 343 17.61 15.56 24.44
C LEU B 343 17.87 15.84 25.92
N GLY B 344 17.89 17.11 26.34
CA GLY B 344 18.19 17.43 27.76
C GLY B 344 19.68 17.60 28.13
N ILE B 345 20.58 17.32 27.18
CA ILE B 345 21.98 17.69 27.36
C ILE B 345 22.28 18.99 26.60
N ASN B 346 23.02 19.89 27.25
CA ASN B 346 23.41 21.18 26.68
C ASN B 346 24.15 21.02 25.36
N ASP B 347 23.79 21.87 24.39
CA ASP B 347 24.20 21.76 22.99
C ASP B 347 25.57 22.33 22.78
N GLY B 348 25.93 23.30 23.62
CA GLY B 348 27.29 23.79 23.69
C GLY B 348 28.24 22.69 24.15
N PHE B 349 27.87 21.94 25.20
CA PHE B 349 28.68 20.78 25.61
C PHE B 349 28.80 19.71 24.53
N ILE B 350 27.68 19.39 23.87
CA ILE B 350 27.69 18.39 22.80
C ILE B 350 28.62 18.85 21.69
N ALA B 351 28.55 20.12 21.32
CA ALA B 351 29.46 20.64 20.30
C ALA B 351 30.94 20.54 20.67
N ASP B 352 31.30 20.97 21.87
CA ASP B 352 32.67 20.72 22.41
C ASP B 352 33.02 19.22 22.43
N ALA B 353 32.09 18.42 22.92
CA ALA B 353 32.29 16.95 22.92
C ALA B 353 32.57 16.43 21.51
N LEU B 354 31.84 16.91 20.52
CA LEU B 354 32.03 16.43 19.15
C LEU B 354 33.36 16.89 18.54
N VAL B 355 33.83 18.08 18.89
CA VAL B 355 35.09 18.60 18.40
C VAL B 355 36.21 17.67 18.94
N GLU B 356 36.20 17.49 20.26
CA GLU B 356 37.11 16.54 20.93
C GLU B 356 37.12 15.18 20.20
N PHE B 357 35.93 14.63 19.94
CA PHE B 357 35.80 13.34 19.30
C PHE B 357 36.26 13.33 17.83
N PHE B 358 36.04 14.41 17.08
CA PHE B 358 36.58 14.47 15.74
C PHE B 358 38.12 14.52 15.76
N GLN B 359 38.70 15.12 16.80
CA GLN B 359 40.15 15.12 16.95
C GLN B 359 40.61 13.66 17.16
N TYR B 360 40.06 12.97 18.15
CA TYR B 360 40.37 11.55 18.38
C TYR B 360 40.37 10.73 17.08
N MET B 361 39.48 11.04 16.15
CA MET B 361 39.35 10.30 14.88
C MET B 361 40.37 10.71 13.84
N GLY B 362 41.08 11.80 14.06
CA GLY B 362 41.96 12.39 13.05
C GLY B 362 41.24 13.16 11.95
N TRP B 363 40.03 13.66 12.24
CA TRP B 363 39.27 14.47 11.28
C TRP B 363 39.42 15.90 11.71
N GLU B 364 40.59 16.46 11.41
CA GLU B 364 40.95 17.79 11.92
C GLU B 364 40.08 18.88 11.27
N ASP B 365 39.81 18.70 9.98
CA ASP B 365 38.94 19.60 9.20
C ASP B 365 37.53 19.73 9.85
N GLN B 366 36.86 18.60 10.08
CA GLN B 366 35.57 18.56 10.77
C GLN B 366 35.57 19.14 12.19
N ALA B 367 36.62 18.88 12.96
CA ALA B 367 36.76 19.45 14.31
C ALA B 367 36.89 20.97 14.30
N ASN B 368 37.64 21.52 13.36
CA ASN B 368 37.89 23.00 13.31
C ASN B 368 36.72 23.80 12.78
N ARG B 369 35.81 23.19 12.01
CA ARG B 369 34.60 23.92 11.56
C ARG B 369 33.29 23.63 12.32
N TYR B 370 33.20 22.51 13.04
CA TYR B 370 31.91 22.03 13.54
C TYR B 370 31.20 23.08 14.32
N LYS B 371 31.91 23.76 15.20
CA LYS B 371 31.25 24.67 16.11
C LYS B 371 30.73 25.93 15.37
N ASP B 372 31.54 26.49 14.47
CA ASP B 372 31.14 27.69 13.72
C ASP B 372 29.99 27.38 12.77
N GLU B 373 30.07 26.22 12.14
CA GLU B 373 29.05 25.76 11.23
C GLU B 373 27.73 25.50 11.95
N LEU B 374 27.80 24.93 13.15
CA LEU B 374 26.59 24.77 13.97
C LEU B 374 25.89 26.09 14.33
N LYS B 375 26.67 27.10 14.69
CA LYS B 375 26.13 28.42 15.02
C LYS B 375 25.46 29.04 13.81
N ALA B 376 26.11 28.89 12.65
CA ALA B 376 25.58 29.41 11.41
C ALA B 376 24.29 28.62 10.92
N LYS B 377 24.14 27.32 11.25
CA LYS B 377 22.90 26.60 10.92
C LYS B 377 21.72 27.14 11.70
N PHE B 378 22.00 27.61 12.92
CA PHE B 378 20.97 27.99 13.84
C PHE B 378 21.21 29.38 14.43
N PRO B 379 21.27 30.41 13.60
CA PRO B 379 21.69 31.73 14.13
C PRO B 379 20.75 32.33 15.18
N ASN B 380 19.49 31.98 15.16
CA ASN B 380 18.54 32.61 16.07
C ASN B 380 18.59 32.17 17.52
N VAL B 381 19.35 31.12 17.84
CA VAL B 381 19.50 30.68 19.23
C VAL B 381 20.94 30.73 19.64
N ASP B 382 21.19 30.76 20.95
CA ASP B 382 22.56 30.60 21.46
C ASP B 382 22.63 29.18 21.88
N ILE B 383 23.49 28.41 21.20
CA ILE B 383 23.55 26.95 21.46
C ILE B 383 24.11 26.58 22.83
N SER B 384 24.91 27.48 23.40
CA SER B 384 25.45 27.33 24.72
C SER B 384 24.37 27.39 25.80
N GLN B 385 23.16 27.85 25.48
CA GLN B 385 21.97 27.75 26.39
C GLN B 385 20.86 26.74 26.04
N THR B 386 20.84 26.19 24.81
CA THR B 386 19.81 25.21 24.43
C THR B 386 20.19 23.80 24.83
N LYS B 387 19.15 22.99 25.00
CA LYS B 387 19.32 21.58 25.29
C LYS B 387 18.59 20.61 24.33
N ASN B 388 17.96 21.15 23.28
CA ASN B 388 17.07 20.34 22.44
C ASN B 388 17.39 20.39 20.94
N VAL B 389 18.47 21.07 20.55
CA VAL B 389 18.84 21.18 19.16
C VAL B 389 19.48 19.89 18.62
N HIS B 390 20.52 19.37 19.30
CA HIS B 390 21.06 18.05 18.96
C HIS B 390 20.11 17.06 19.54
N ARG B 391 19.62 16.13 18.72
CA ARG B 391 18.70 15.14 19.27
C ARG B 391 19.26 13.72 19.39
N TRP B 392 19.97 13.25 18.36
CA TRP B 392 20.54 11.94 18.33
C TRP B 392 21.89 12.08 17.76
N LEU B 393 22.72 11.13 18.14
CA LEU B 393 24.01 10.97 17.55
C LEU B 393 24.15 9.48 17.31
N GLY B 394 24.11 9.07 16.05
CA GLY B 394 24.32 7.69 15.64
C GLY B 394 25.77 7.46 15.23
N VAL B 395 26.29 6.28 15.51
CA VAL B 395 27.68 5.93 15.18
C VAL B 395 27.70 4.65 14.37
N ALA B 396 28.66 4.60 13.43
CA ALA B 396 28.81 3.49 12.52
C ALA B 396 30.24 3.27 12.11
N TYR B 397 30.58 1.99 11.89
CA TYR B 397 31.83 1.60 11.26
C TYR B 397 31.51 0.57 10.17
N SER B 398 32.12 0.77 9.01
CA SER B 398 32.19 -0.23 7.94
C SER B 398 33.70 -0.36 7.60
N GLU B 399 34.11 -1.52 7.11
CA GLU B 399 35.50 -1.74 6.65
C GLU B 399 35.75 -1.17 5.23
N THR B 400 34.74 -1.34 4.36
CA THR B 400 34.75 -0.78 2.98
C THR B 400 34.58 0.77 2.93
N LYS B 401 33.51 1.28 3.52
CA LYS B 401 33.24 2.75 3.59
C LYS B 401 34.14 3.45 4.63
N GLY B 402 34.02 3.09 5.89
CA GLY B 402 34.85 3.68 6.96
C GLY B 402 34.01 3.96 8.21
N PRO B 403 34.56 4.73 9.17
CA PRO B 403 33.72 5.23 10.25
C PRO B 403 32.80 6.39 9.76
N SER B 404 31.61 6.51 10.35
CA SER B 404 30.71 7.65 10.07
C SER B 404 29.95 8.13 11.31
N MET B 405 29.60 9.40 11.27
CA MET B 405 28.94 10.14 12.35
C MET B 405 27.60 10.66 11.80
N ASN B 406 26.51 10.35 12.49
CA ASN B 406 25.22 10.78 12.12
C ASN B 406 24.69 11.68 13.22
N ILE B 407 24.43 12.94 12.88
CA ILE B 407 23.91 13.91 13.84
C ILE B 407 22.52 14.39 13.42
N TYR B 408 21.56 14.29 14.33
CA TYR B 408 20.19 14.61 14.07
C TYR B 408 19.83 15.85 14.85
N TYR B 409 19.39 16.89 14.11
CA TYR B 409 18.95 18.16 14.67
C TYR B 409 17.46 18.37 14.59
N ASP B 410 16.93 18.84 15.71
CA ASP B 410 15.57 19.36 15.78
C ASP B 410 15.65 20.78 15.23
N VAL B 411 15.25 20.91 13.98
CA VAL B 411 15.43 22.13 13.21
C VAL B 411 14.62 23.27 13.79
N VAL B 412 13.36 23.01 14.07
CA VAL B 412 12.43 23.98 14.65
C VAL B 412 12.99 24.52 16.00
N ALA B 413 13.53 23.64 16.86
CA ALA B 413 14.12 24.08 18.14
C ALA B 413 15.32 24.99 17.94
N GLY B 414 16.06 24.85 16.86
CA GLY B 414 17.14 25.81 16.51
C GLY B 414 16.74 27.08 15.74
N ASN B 415 15.45 27.29 15.48
CA ASN B 415 14.99 28.48 14.76
C ASN B 415 14.03 29.38 15.56
N VAL B 416 13.39 28.88 16.60
CA VAL B 416 12.26 29.63 17.24
C VAL B 416 12.52 31.02 17.90
CAI XBU C . -10.27 -10.67 -16.30
CAJ XBU C . -9.08 -11.35 -16.61
CAK XBU C . -8.74 -11.58 -17.93
OAN XBU C . -7.59 -12.25 -18.13
CAL XBU C . -9.59 -11.11 -18.94
CAM XBU C . -10.78 -10.40 -18.63
CAH XBU C . -11.13 -10.14 -17.27
CAF XBU C . -12.28 -9.45 -16.78
CAB XBU C . -12.30 -7.89 -17.07
CAX XBU C . -11.17 -7.09 -16.62
OAY XBU C . -10.97 -5.98 -17.13
OAZ XBU C . -10.33 -7.61 -15.65
CBB XBU C . -9.05 -6.93 -15.52
OAC XBU C . -12.29 -7.80 -18.52
CAD XBU C . -13.40 -7.12 -18.87
OAP XBU C . -13.67 -6.86 -20.04
CAE XBU C . -14.16 -6.76 -17.82
OAO XBU C . -15.35 -6.11 -18.09
CAA XBU C . -13.60 -7.24 -16.67
CAQ XBU C . -14.10 -6.97 -15.37
CAR XBU C . -15.40 -6.48 -15.11
CAS XBU C . -15.86 -6.13 -13.82
CAT XBU C . -15.02 -6.27 -12.72
OAW XBU C . -15.44 -5.96 -11.48
CAU XBU C . -13.73 -6.75 -12.92
CAV XBU C . -13.30 -7.08 -14.21
PA GST D . -18.81 -11.59 -6.83
O1A GST D . -20.23 -12.30 -6.97
O2A GST D . -17.69 -12.57 -7.20
O3A GST D . -18.68 -11.08 -5.42
O1B GST D . -18.84 -10.68 -8.09
PB GST D . -17.62 -9.86 -8.79
O2B GST D . -16.51 -9.46 -7.89
O3B GST D . -18.47 -8.49 -9.35
S1 GST D . -16.96 -10.93 -10.50
C1 GST D . -16.94 -9.38 -11.50
C2 GST D . -17.06 -9.89 -12.96
C3 GST D . -15.84 -10.15 -13.74
C10 GST D . -14.50 -9.93 -13.03
C4 GST D . -15.92 -10.73 -15.14
C5 GST D . -15.14 -12.04 -14.99
C6 GST D . -14.60 -12.42 -16.36
C7 GST D . -13.26 -13.12 -16.53
C9 GST D . -12.30 -13.30 -15.36
C8 GST D . -12.83 -13.54 -17.93
CAI XBU E . 11.68 4.70 17.42
CAJ XBU E . 11.02 3.76 18.22
CAK XBU E . 10.89 3.99 19.59
OAN XBU E . 10.27 3.07 20.38
CAL XBU E . 11.42 5.17 20.16
CAM XBU E . 12.08 6.11 19.35
CAH XBU E . 12.22 5.88 17.97
CAF XBU E . 12.85 6.82 17.12
CAB XBU E . 11.95 8.09 16.83
CAX XBU E . 10.66 7.88 16.19
OAY XBU E . 9.74 8.71 16.35
OAZ XBU E . 10.55 6.78 15.36
CBB XBU E . 9.20 6.57 14.85
OAC XBU E . 11.65 8.70 18.13
CAD XBU E . 12.13 9.94 18.05
OAP XBU E . 12.00 10.78 18.94
CAE XBU E . 12.72 10.22 16.89
OAO XBU E . 13.25 11.45 16.69
CAA XBU E . 12.73 9.10 16.10
CAQ XBU E . 13.17 9.11 14.77
CAR XBU E . 14.06 10.11 14.35
CAS XBU E . 14.50 10.23 13.04
CAT XBU E . 14.06 9.39 12.06
OAW XBU E . 14.52 9.62 10.79
CAU XBU E . 13.18 8.38 12.41
CAV XBU E . 12.73 8.25 13.74
PA GST F . 21.07 5.09 8.24
O1A GST F . 20.60 3.80 9.00
O2A GST F . 22.59 5.52 8.43
O3A GST F . 20.91 4.83 6.73
O1B GST F . 20.34 6.04 9.32
PB GST F . 18.72 6.24 9.64
O2B GST F . 18.48 7.84 9.57
O3B GST F . 17.87 5.51 8.65
S1 GST F . 18.32 5.69 11.64
C1 GST F . 16.66 6.48 12.01
C2 GST F . 16.65 6.10 13.49
C3 GST F . 16.98 7.03 14.67
C10 GST F . 17.22 8.51 14.57
C4 GST F . 17.22 6.41 15.99
C5 GST F . 15.94 6.03 16.55
C6 GST F . 15.91 4.53 16.76
C7 GST F . 15.62 3.88 18.11
C9 GST F . 15.57 4.57 19.46
C8 GST F . 15.43 2.41 18.05
#